data_2PE8
# 
_entry.id   2PE8 
# 
_audit_conform.dict_name       mmcif_pdbx.dic 
_audit_conform.dict_version    5.377 
_audit_conform.dict_location   http://mmcif.pdb.org/dictionaries/ascii/mmcif_pdbx.dic 
# 
loop_
_database_2.database_id 
_database_2.database_code 
_database_2.pdbx_database_accession 
_database_2.pdbx_DOI 
PDB   2PE8         pdb_00002pe8 10.2210/pdb2pe8/pdb 
RCSB  RCSB042279   ?            ?                   
WWPDB D_1000042279 ?            ?                   
# 
_pdbx_database_status.status_code                     REL 
_pdbx_database_status.entry_id                        2PE8 
_pdbx_database_status.recvd_initial_deposition_date   2007-04-02 
_pdbx_database_status.deposit_site                    RCSB 
_pdbx_database_status.process_site                    RCSB 
_pdbx_database_status.status_code_sf                  REL 
_pdbx_database_status.status_code_mr                  ? 
_pdbx_database_status.SG_entry                        ? 
_pdbx_database_status.pdb_format_compatible           Y 
_pdbx_database_status.status_code_cs                  ? 
_pdbx_database_status.status_code_nmr_data            ? 
_pdbx_database_status.methods_development_category    ? 
# 
loop_
_audit_author.name 
_audit_author.pdbx_ordinal 
'Corsini, L.' 1 
'Basquin, J.' 2 
'Hothorn, M.' 3 
'Sattler, M.' 4 
# 
_citation.id                        primary 
_citation.title                     'U2AF-homology motif interactions are required for alternative splicing regulation by SPF45.' 
_citation.journal_abbrev            Nat.Struct.Mol.Biol. 
_citation.journal_volume            14 
_citation.page_first                620 
_citation.page_last                 629 
_citation.year                      2007 
_citation.journal_id_ASTM           ? 
_citation.country                   US 
_citation.journal_id_ISSN           1545-9993 
_citation.journal_id_CSD            ? 
_citation.book_publisher            ? 
_citation.pdbx_database_id_PubMed   17589525 
_citation.pdbx_database_id_DOI      10.1038/nsmb1260 
# 
loop_
_citation_author.citation_id 
_citation_author.name 
_citation_author.ordinal 
_citation_author.identifier_ORCID 
primary 'Corsini, L.'   1 ? 
primary 'Bonna, S.'     2 ? 
primary 'Basquin, J.'   3 ? 
primary 'Hothorn, M.'   4 ? 
primary 'Scheffzek, K.' 5 ? 
primary 'Valcarcel, J.' 6 ? 
primary 'Sattler, M.'   7 ? 
# 
_cell.entry_id           2PE8 
_cell.length_a           63.900 
_cell.length_b           90.200 
_cell.length_c           99.100 
_cell.angle_alpha        90.00 
_cell.angle_beta         90.00 
_cell.angle_gamma        90.00 
_cell.Z_PDB              16 
_cell.pdbx_unique_axis   ? 
_cell.length_a_esd       ? 
_cell.length_b_esd       ? 
_cell.length_c_esd       ? 
_cell.angle_alpha_esd    ? 
_cell.angle_beta_esd     ? 
_cell.angle_gamma_esd    ? 
# 
_symmetry.entry_id                         2PE8 
_symmetry.space_group_name_H-M             'F 2 2 2' 
_symmetry.pdbx_full_space_group_name_H-M   ? 
_symmetry.cell_setting                     ? 
_symmetry.Int_Tables_number                22 
_symmetry.space_group_name_Hall            ? 
# 
loop_
_entity.id 
_entity.type 
_entity.src_method 
_entity.pdbx_description 
_entity.formula_weight 
_entity.pdbx_number_of_molecules 
_entity.pdbx_ec 
_entity.pdbx_mutation 
_entity.pdbx_fragment 
_entity.details 
1 polymer man 'Splicing factor 45' 11690.481 1  ? ? ? ? 
2 water   nat water                18.015    30 ? ? ? ? 
# 
_entity_name_com.entity_id   1 
_entity_name_com.name        '45 kDa-splicing factor, RNA-binding motif protein 17' 
# 
_entity_poly.entity_id                      1 
_entity_poly.type                           'polypeptide(L)' 
_entity_poly.nstd_linkage                   no 
_entity_poly.nstd_monomer                   no 
_entity_poly.pdbx_seq_one_letter_code       
;GAMGKCPTKVVLLRNMVGAGEVDEDLEVETKEECEKYGKVGKCVIFEIPGAPDDEAVRIFLEFERVESAIKAVVDLNGRY
FGGRVVKACFYNLDKFRVLDLAEQV
;
_entity_poly.pdbx_seq_one_letter_code_can   
;GAMGKCPTKVVLLRNMVGAGEVDEDLEVETKEECEKYGKVGKCVIFEIPGAPDDEAVRIFLEFERVESAIKAVVDLNGRY
FGGRVVKACFYNLDKFRVLDLAEQV
;
_entity_poly.pdbx_strand_id                 A 
_entity_poly.pdbx_target_identifier         ? 
# 
loop_
_entity_poly_seq.entity_id 
_entity_poly_seq.num 
_entity_poly_seq.mon_id 
_entity_poly_seq.hetero 
1 1   GLY n 
1 2   ALA n 
1 3   MET n 
1 4   GLY n 
1 5   LYS n 
1 6   CYS n 
1 7   PRO n 
1 8   THR n 
1 9   LYS n 
1 10  VAL n 
1 11  VAL n 
1 12  LEU n 
1 13  LEU n 
1 14  ARG n 
1 15  ASN n 
1 16  MET n 
1 17  VAL n 
1 18  GLY n 
1 19  ALA n 
1 20  GLY n 
1 21  GLU n 
1 22  VAL n 
1 23  ASP n 
1 24  GLU n 
1 25  ASP n 
1 26  LEU n 
1 27  GLU n 
1 28  VAL n 
1 29  GLU n 
1 30  THR n 
1 31  LYS n 
1 32  GLU n 
1 33  GLU n 
1 34  CYS n 
1 35  GLU n 
1 36  LYS n 
1 37  TYR n 
1 38  GLY n 
1 39  LYS n 
1 40  VAL n 
1 41  GLY n 
1 42  LYS n 
1 43  CYS n 
1 44  VAL n 
1 45  ILE n 
1 46  PHE n 
1 47  GLU n 
1 48  ILE n 
1 49  PRO n 
1 50  GLY n 
1 51  ALA n 
1 52  PRO n 
1 53  ASP n 
1 54  ASP n 
1 55  GLU n 
1 56  ALA n 
1 57  VAL n 
1 58  ARG n 
1 59  ILE n 
1 60  PHE n 
1 61  LEU n 
1 62  GLU n 
1 63  PHE n 
1 64  GLU n 
1 65  ARG n 
1 66  VAL n 
1 67  GLU n 
1 68  SER n 
1 69  ALA n 
1 70  ILE n 
1 71  LYS n 
1 72  ALA n 
1 73  VAL n 
1 74  VAL n 
1 75  ASP n 
1 76  LEU n 
1 77  ASN n 
1 78  GLY n 
1 79  ARG n 
1 80  TYR n 
1 81  PHE n 
1 82  GLY n 
1 83  GLY n 
1 84  ARG n 
1 85  VAL n 
1 86  VAL n 
1 87  LYS n 
1 88  ALA n 
1 89  CYS n 
1 90  PHE n 
1 91  TYR n 
1 92  ASN n 
1 93  LEU n 
1 94  ASP n 
1 95  LYS n 
1 96  PHE n 
1 97  ARG n 
1 98  VAL n 
1 99  LEU n 
1 100 ASP n 
1 101 LEU n 
1 102 ALA n 
1 103 GLU n 
1 104 GLN n 
1 105 VAL n 
# 
_entity_src_gen.entity_id                          1 
_entity_src_gen.pdbx_src_id                        1 
_entity_src_gen.pdbx_alt_source_flag               sample 
_entity_src_gen.pdbx_seq_type                      ? 
_entity_src_gen.pdbx_beg_seq_num                   ? 
_entity_src_gen.pdbx_end_seq_num                   ? 
_entity_src_gen.gene_src_common_name               human 
_entity_src_gen.gene_src_genus                     Homo 
_entity_src_gen.pdbx_gene_src_gene                 'RBM17, SPF45' 
_entity_src_gen.gene_src_species                   ? 
_entity_src_gen.gene_src_strain                    ? 
_entity_src_gen.gene_src_tissue                    ? 
_entity_src_gen.gene_src_tissue_fraction           ? 
_entity_src_gen.gene_src_details                   ? 
_entity_src_gen.pdbx_gene_src_fragment             ? 
_entity_src_gen.pdbx_gene_src_scientific_name      'Homo sapiens' 
_entity_src_gen.pdbx_gene_src_ncbi_taxonomy_id     9606 
_entity_src_gen.pdbx_gene_src_variant              ? 
_entity_src_gen.pdbx_gene_src_cell_line            ? 
_entity_src_gen.pdbx_gene_src_atcc                 ? 
_entity_src_gen.pdbx_gene_src_organ                ? 
_entity_src_gen.pdbx_gene_src_organelle            ? 
_entity_src_gen.pdbx_gene_src_cell                 ? 
_entity_src_gen.pdbx_gene_src_cellular_location    ? 
_entity_src_gen.host_org_common_name               ? 
_entity_src_gen.pdbx_host_org_scientific_name      'Escherichia coli' 
_entity_src_gen.pdbx_host_org_ncbi_taxonomy_id     562 
_entity_src_gen.host_org_genus                     Escherichia 
_entity_src_gen.pdbx_host_org_gene                 ? 
_entity_src_gen.pdbx_host_org_organ                ? 
_entity_src_gen.host_org_species                   ? 
_entity_src_gen.pdbx_host_org_tissue               ? 
_entity_src_gen.pdbx_host_org_tissue_fraction      ? 
_entity_src_gen.pdbx_host_org_strain               'K12 BL21(DE3) pLysS' 
_entity_src_gen.pdbx_host_org_variant              ? 
_entity_src_gen.pdbx_host_org_cell_line            ? 
_entity_src_gen.pdbx_host_org_atcc                 ? 
_entity_src_gen.pdbx_host_org_culture_collection   ? 
_entity_src_gen.pdbx_host_org_cell                 ? 
_entity_src_gen.pdbx_host_org_organelle            ? 
_entity_src_gen.pdbx_host_org_cellular_location    ? 
_entity_src_gen.pdbx_host_org_vector_type          PLASMID 
_entity_src_gen.pdbx_host_org_vector               ? 
_entity_src_gen.host_org_details                   ? 
_entity_src_gen.expression_system_id               ? 
_entity_src_gen.plasmid_name                       pETM30 
_entity_src_gen.plasmid_details                    ? 
_entity_src_gen.pdbx_description                   ? 
# 
_struct_ref.id                         1 
_struct_ref.db_name                    UNP 
_struct_ref.db_code                    SPF45_HUMAN 
_struct_ref.pdbx_db_accession          Q96I25 
_struct_ref.entity_id                  1 
_struct_ref.pdbx_seq_one_letter_code   
;KCPTKVVLLRNMVGAGEVDEDLEVETKEECEKYGKVGKCVIFEIPGAPDDEAVRIFLEFERVESAIKAVVDLNGRYFGGR
VVKACFYNLDKFRVLDLAEQV
;
_struct_ref.pdbx_align_begin           301 
_struct_ref.pdbx_db_isoform            ? 
# 
_struct_ref_seq.align_id                      1 
_struct_ref_seq.ref_id                        1 
_struct_ref_seq.pdbx_PDB_id_code              2PE8 
_struct_ref_seq.pdbx_strand_id                A 
_struct_ref_seq.seq_align_beg                 5 
_struct_ref_seq.pdbx_seq_align_beg_ins_code   ? 
_struct_ref_seq.seq_align_end                 105 
_struct_ref_seq.pdbx_seq_align_end_ins_code   ? 
_struct_ref_seq.pdbx_db_accession             Q96I25 
_struct_ref_seq.db_align_beg                  301 
_struct_ref_seq.pdbx_db_align_beg_ins_code    ? 
_struct_ref_seq.db_align_end                  401 
_struct_ref_seq.pdbx_db_align_end_ins_code    ? 
_struct_ref_seq.pdbx_auth_seq_align_beg       301 
_struct_ref_seq.pdbx_auth_seq_align_end       401 
# 
loop_
_struct_ref_seq_dif.align_id 
_struct_ref_seq_dif.pdbx_pdb_id_code 
_struct_ref_seq_dif.mon_id 
_struct_ref_seq_dif.pdbx_pdb_strand_id 
_struct_ref_seq_dif.seq_num 
_struct_ref_seq_dif.pdbx_pdb_ins_code 
_struct_ref_seq_dif.pdbx_seq_db_name 
_struct_ref_seq_dif.pdbx_seq_db_accession_code 
_struct_ref_seq_dif.db_mon_id 
_struct_ref_seq_dif.pdbx_seq_db_seq_num 
_struct_ref_seq_dif.details 
_struct_ref_seq_dif.pdbx_auth_seq_num 
_struct_ref_seq_dif.pdbx_ordinal 
1 2PE8 GLY A 1 ? UNP Q96I25 ? ? 'cloning artifact' 297 1 
1 2PE8 ALA A 2 ? UNP Q96I25 ? ? 'cloning artifact' 298 2 
1 2PE8 MET A 3 ? UNP Q96I25 ? ? 'cloning artifact' 299 3 
1 2PE8 GLY A 4 ? UNP Q96I25 ? ? 'cloning artifact' 300 4 
# 
loop_
_chem_comp.id 
_chem_comp.type 
_chem_comp.mon_nstd_flag 
_chem_comp.name 
_chem_comp.pdbx_synonyms 
_chem_comp.formula 
_chem_comp.formula_weight 
ALA 'L-peptide linking' y ALANINE         ? 'C3 H7 N O2'     89.093  
ARG 'L-peptide linking' y ARGININE        ? 'C6 H15 N4 O2 1' 175.209 
ASN 'L-peptide linking' y ASPARAGINE      ? 'C4 H8 N2 O3'    132.118 
ASP 'L-peptide linking' y 'ASPARTIC ACID' ? 'C4 H7 N O4'     133.103 
CYS 'L-peptide linking' y CYSTEINE        ? 'C3 H7 N O2 S'   121.158 
GLN 'L-peptide linking' y GLUTAMINE       ? 'C5 H10 N2 O3'   146.144 
GLU 'L-peptide linking' y 'GLUTAMIC ACID' ? 'C5 H9 N O4'     147.129 
GLY 'peptide linking'   y GLYCINE         ? 'C2 H5 N O2'     75.067  
HOH non-polymer         . WATER           ? 'H2 O'           18.015  
ILE 'L-peptide linking' y ISOLEUCINE      ? 'C6 H13 N O2'    131.173 
LEU 'L-peptide linking' y LEUCINE         ? 'C6 H13 N O2'    131.173 
LYS 'L-peptide linking' y LYSINE          ? 'C6 H15 N2 O2 1' 147.195 
MET 'L-peptide linking' y METHIONINE      ? 'C5 H11 N O2 S'  149.211 
PHE 'L-peptide linking' y PHENYLALANINE   ? 'C9 H11 N O2'    165.189 
PRO 'L-peptide linking' y PROLINE         ? 'C5 H9 N O2'     115.130 
SER 'L-peptide linking' y SERINE          ? 'C3 H7 N O3'     105.093 
THR 'L-peptide linking' y THREONINE       ? 'C4 H9 N O3'     119.119 
TYR 'L-peptide linking' y TYROSINE        ? 'C9 H11 N O3'    181.189 
VAL 'L-peptide linking' y VALINE          ? 'C5 H11 N O2'    117.146 
# 
_exptl.entry_id          2PE8 
_exptl.method            'X-RAY DIFFRACTION' 
_exptl.crystals_number   1 
# 
_exptl_crystal.id                    1 
_exptl_crystal.density_meas          ? 
_exptl_crystal.density_Matthews      3.05 
_exptl_crystal.density_percent_sol   59.71 
_exptl_crystal.description           ? 
_exptl_crystal.F_000                 ? 
_exptl_crystal.preparation           ? 
# 
_exptl_crystal_grow.crystal_id      1 
_exptl_crystal_grow.method          'VAPOR DIFFUSION, HANGING DROP' 
_exptl_crystal_grow.temp            293 
_exptl_crystal_grow.temp_details    ? 
_exptl_crystal_grow.pH              8.5 
_exptl_crystal_grow.pdbx_details    
'22% PEG 3,350, 0.2 M MgCl2, 0.1 M Tris pH 8.5, VAPOR DIFFUSION, HANGING DROP, temperature 293K' 
_exptl_crystal_grow.pdbx_pH_range   . 
# 
_diffrn.id                     1 
_diffrn.ambient_temp           100 
_diffrn.ambient_temp_details   ? 
_diffrn.crystal_id             1 
# 
_diffrn_detector.diffrn_id              1 
_diffrn_detector.detector               CCD 
_diffrn_detector.type                   'ADSC QUANTUM 210' 
_diffrn_detector.pdbx_collection_date   2005-09-01 
_diffrn_detector.details                ? 
# 
_diffrn_radiation.diffrn_id                        1 
_diffrn_radiation.wavelength_id                    1 
_diffrn_radiation.pdbx_monochromatic_or_laue_m_l   M 
_diffrn_radiation.monochromator                    GRAPHITE 
_diffrn_radiation.pdbx_diffrn_protocol             'SINGLE WAVELENGTH' 
_diffrn_radiation.pdbx_scattering_type             x-ray 
# 
_diffrn_radiation_wavelength.id           1 
_diffrn_radiation_wavelength.wavelength   0.976 
_diffrn_radiation_wavelength.wt           1.0 
# 
_diffrn_source.diffrn_id                   1 
_diffrn_source.source                      SYNCHROTRON 
_diffrn_source.type                        'ESRF BEAMLINE ID14-1' 
_diffrn_source.pdbx_synchrotron_site       ESRF 
_diffrn_source.pdbx_synchrotron_beamline   ID14-1 
_diffrn_source.pdbx_wavelength             ? 
_diffrn_source.pdbx_wavelength_list        0.976 
# 
_reflns.entry_id                     2PE8 
_reflns.observed_criterion_sigma_F   -3.0 
_reflns.observed_criterion_sigma_I   -3.0 
_reflns.d_resolution_high            2.00 
_reflns.d_resolution_low             15.00 
_reflns.number_all                   9819 
_reflns.number_obs                   9819 
_reflns.percent_possible_obs         99.5 
_reflns.pdbx_Rmerge_I_obs            0.057 
_reflns.pdbx_Rsym_value              0.053 
_reflns.pdbx_netI_over_sigmaI        20.13 
_reflns.B_iso_Wilson_estimate        46.5 
_reflns.pdbx_redundancy              7.57 
_reflns.R_free_details               ? 
_reflns.limit_h_max                  ? 
_reflns.limit_h_min                  ? 
_reflns.limit_k_max                  ? 
_reflns.limit_k_min                  ? 
_reflns.limit_l_max                  ? 
_reflns.limit_l_min                  ? 
_reflns.observed_criterion_F_max     ? 
_reflns.observed_criterion_F_min     ? 
_reflns.pdbx_chi_squared             ? 
_reflns.pdbx_scaling_rejects         ? 
_reflns.pdbx_ordinal                 1 
_reflns.pdbx_diffrn_id               1 
# 
_reflns_shell.d_res_high             2.0 
_reflns_shell.d_res_low              2.05 
_reflns_shell.percent_possible_all   100.0 
_reflns_shell.Rmerge_I_obs           0.474 
_reflns_shell.pdbx_Rsym_value        0.44 
_reflns_shell.meanI_over_sigI_obs    4.67 
_reflns_shell.pdbx_redundancy        7.2 
_reflns_shell.percent_possible_obs   ? 
_reflns_shell.number_unique_all      719 
_reflns_shell.number_measured_all    ? 
_reflns_shell.number_measured_obs    ? 
_reflns_shell.number_unique_obs      ? 
_reflns_shell.pdbx_chi_squared       ? 
_reflns_shell.pdbx_ordinal           1 
_reflns_shell.pdbx_diffrn_id         1 
# 
_refine.entry_id                                 2PE8 
_refine.ls_number_reflns_obs                     9294 
_refine.ls_number_reflns_all                     9294 
_refine.pdbx_ls_sigma_I                          -3.0 
_refine.pdbx_ls_sigma_F                          -3.0 
_refine.pdbx_data_cutoff_high_absF               ? 
_refine.pdbx_data_cutoff_low_absF                ? 
_refine.pdbx_data_cutoff_high_rms_absF           ? 
_refine.ls_d_res_low                             19.58 
_refine.ls_d_res_high                            2.00 
_refine.ls_percent_reflns_obs                    100.00 
_refine.ls_R_factor_obs                          0.23204 
_refine.ls_R_factor_all                          0.23204 
_refine.ls_R_factor_R_work                       0.23143 
_refine.ls_R_factor_R_free                       0.24348 
_refine.ls_R_factor_R_free_error                 ? 
_refine.ls_R_factor_R_free_error_details         ? 
_refine.ls_percent_reflns_R_free                 5.0 
_refine.ls_number_reflns_R_free                  488 
_refine.ls_number_parameters                     ? 
_refine.ls_number_restraints                     ? 
_refine.occupancy_min                            ? 
_refine.occupancy_max                            ? 
_refine.correlation_coeff_Fo_to_Fc               0.949 
_refine.correlation_coeff_Fo_to_Fc_free          0.956 
_refine.B_iso_mean                               46.965 
_refine.aniso_B[1][1]                            3.65 
_refine.aniso_B[2][2]                            -0.39 
_refine.aniso_B[3][3]                            -3.27 
_refine.aniso_B[1][2]                            0.00 
_refine.aniso_B[1][3]                            0.00 
_refine.aniso_B[2][3]                            0.00 
_refine.solvent_model_details                    MASK 
_refine.solvent_model_param_ksol                 ? 
_refine.solvent_model_param_bsol                 ? 
_refine.pdbx_solvent_vdw_probe_radii             1.40 
_refine.pdbx_solvent_ion_probe_radii             0.80 
_refine.pdbx_solvent_shrinkage_radii             0.80 
_refine.pdbx_ls_cross_valid_method               THROUGHOUT 
_refine.details                                  'HYDROGENS HAVE BEEN ADDED IN THE RIDING POSITIONS' 
_refine.pdbx_starting_model                      'UHM domain homology model based on PDB-ID 1o0p' 
_refine.pdbx_method_to_determine_struct          'MOLECULAR REPLACEMENT' 
_refine.pdbx_isotropic_thermal_model             Isotropic 
_refine.pdbx_stereochemistry_target_values       'MAXIMUM LIKELIHOOD' 
_refine.pdbx_stereochem_target_val_spec_case     ? 
_refine.pdbx_R_Free_selection_details            RANDOM 
_refine.pdbx_overall_ESU_R                       0.169 
_refine.pdbx_overall_ESU_R_Free                  0.145 
_refine.overall_SU_ML                            0.169 
_refine.overall_SU_B                             12.328 
_refine.ls_redundancy_reflns_obs                 ? 
_refine.B_iso_min                                ? 
_refine.B_iso_max                                ? 
_refine.overall_SU_R_Cruickshank_DPI             ? 
_refine.overall_SU_R_free                        ? 
_refine.ls_wR_factor_R_free                      ? 
_refine.ls_wR_factor_R_work                      ? 
_refine.overall_FOM_free_R_set                   ? 
_refine.overall_FOM_work_R_set                   ? 
_refine.pdbx_refine_id                           'X-RAY DIFFRACTION' 
_refine.pdbx_TLS_residual_ADP_flag               'LIKELY RESIDUAL' 
_refine.pdbx_diffrn_id                           1 
_refine.pdbx_overall_phase_error                 ? 
_refine.pdbx_overall_SU_R_free_Cruickshank_DPI   ? 
_refine.pdbx_overall_SU_R_Blow_DPI               ? 
_refine.pdbx_overall_SU_R_free_Blow_DPI          ? 
# 
_refine_hist.pdbx_refine_id                   'X-RAY DIFFRACTION' 
_refine_hist.cycle_id                         LAST 
_refine_hist.pdbx_number_atoms_protein        761 
_refine_hist.pdbx_number_atoms_nucleic_acid   0 
_refine_hist.pdbx_number_atoms_ligand         0 
_refine_hist.number_atoms_solvent             30 
_refine_hist.number_atoms_total               791 
_refine_hist.d_res_high                       2.00 
_refine_hist.d_res_low                        19.58 
# 
loop_
_refine_ls_restr.type 
_refine_ls_restr.dev_ideal 
_refine_ls_restr.dev_ideal_target 
_refine_ls_restr.weight 
_refine_ls_restr.number 
_refine_ls_restr.pdbx_refine_id 
_refine_ls_restr.pdbx_restraint_function 
r_bond_refined_d         0.010  0.022  ? 771  'X-RAY DIFFRACTION' ? 
r_bond_other_d           0.001  0.020  ? 528  'X-RAY DIFFRACTION' ? 
r_angle_refined_deg      1.236  1.982  ? 1037 'X-RAY DIFFRACTION' ? 
r_angle_other_deg        0.882  3.000  ? 1286 'X-RAY DIFFRACTION' ? 
r_dihedral_angle_1_deg   5.614  5.000  ? 99   'X-RAY DIFFRACTION' ? 
r_dihedral_angle_2_deg   36.964 24.062 ? 32   'X-RAY DIFFRACTION' ? 
r_dihedral_angle_3_deg   15.499 15.000 ? 133  'X-RAY DIFFRACTION' ? 
r_dihedral_angle_4_deg   20.040 15.000 ? 5    'X-RAY DIFFRACTION' ? 
r_chiral_restr           0.066  0.200  ? 118  'X-RAY DIFFRACTION' ? 
r_gen_planes_refined     0.004  0.020  ? 863  'X-RAY DIFFRACTION' ? 
r_gen_planes_other       0.001  0.020  ? 158  'X-RAY DIFFRACTION' ? 
r_nbd_refined            0.196  0.200  ? 136  'X-RAY DIFFRACTION' ? 
r_nbd_other              0.186  0.200  ? 518  'X-RAY DIFFRACTION' ? 
r_nbtor_refined          0.168  0.200  ? 369  'X-RAY DIFFRACTION' ? 
r_nbtor_other            0.081  0.200  ? 424  'X-RAY DIFFRACTION' ? 
r_xyhbond_nbd_refined    0.176  0.200  ? 26   'X-RAY DIFFRACTION' ? 
r_symmetry_vdw_refined   0.102  0.200  ? 3    'X-RAY DIFFRACTION' ? 
r_symmetry_vdw_other     0.282  0.200  ? 6    'X-RAY DIFFRACTION' ? 
r_symmetry_hbond_refined 0.064  0.200  ? 2    'X-RAY DIFFRACTION' ? 
r_mcbond_it              0.720  1.500  ? 642  'X-RAY DIFFRACTION' ? 
r_mcbond_other           0.118  1.500  ? 207  'X-RAY DIFFRACTION' ? 
r_mcangle_it             0.818  2.000  ? 788  'X-RAY DIFFRACTION' ? 
r_scbond_it              1.391  3.000  ? 320  'X-RAY DIFFRACTION' ? 
r_scangle_it             1.912  4.500  ? 249  'X-RAY DIFFRACTION' ? 
# 
_refine_ls_shell.pdbx_total_number_of_bins_used   20 
_refine_ls_shell.d_res_high                       2.000 
_refine_ls_shell.d_res_low                        2.052 
_refine_ls_shell.number_reflns_R_work             669 
_refine_ls_shell.R_factor_R_work                  0.357 
_refine_ls_shell.percent_reflns_obs               100.00 
_refine_ls_shell.R_factor_R_free                  0.416 
_refine_ls_shell.R_factor_R_free_error            ? 
_refine_ls_shell.percent_reflns_R_free            ? 
_refine_ls_shell.number_reflns_R_free             32 
_refine_ls_shell.number_reflns_all                ? 
_refine_ls_shell.R_factor_all                     ? 
_refine_ls_shell.number_reflns_obs                ? 
_refine_ls_shell.redundancy_reflns_obs            ? 
_refine_ls_shell.pdbx_refine_id                   'X-RAY DIFFRACTION' 
# 
_struct.entry_id                  2PE8 
_struct.title                     'Crystal structure of the UHM domain of human SPF45 (free form)' 
_struct.pdbx_model_details        ? 
_struct.pdbx_CASP_flag            ? 
_struct.pdbx_model_type_details   ? 
# 
_struct_keywords.entry_id        2PE8 
_struct_keywords.pdbx_keywords   'PROTEIN BINDING' 
_struct_keywords.text            'RRM, PROTEIN BINDING' 
# 
loop_
_struct_asym.id 
_struct_asym.pdbx_blank_PDB_chainid_flag 
_struct_asym.pdbx_modified 
_struct_asym.entity_id 
_struct_asym.details 
A N N 1 ? 
B N N 2 ? 
# 
_struct_biol.id   1 
# 
loop_
_struct_conf.conf_type_id 
_struct_conf.id 
_struct_conf.pdbx_PDB_helix_id 
_struct_conf.beg_label_comp_id 
_struct_conf.beg_label_asym_id 
_struct_conf.beg_label_seq_id 
_struct_conf.pdbx_beg_PDB_ins_code 
_struct_conf.end_label_comp_id 
_struct_conf.end_label_asym_id 
_struct_conf.end_label_seq_id 
_struct_conf.pdbx_end_PDB_ins_code 
_struct_conf.beg_auth_comp_id 
_struct_conf.beg_auth_asym_id 
_struct_conf.beg_auth_seq_id 
_struct_conf.end_auth_comp_id 
_struct_conf.end_auth_asym_id 
_struct_conf.end_auth_seq_id 
_struct_conf.pdbx_PDB_helix_class 
_struct_conf.details 
_struct_conf.pdbx_PDB_helix_length 
HELX_P HELX_P1 1 ALA A 2  ? CYS A 6  ? ALA A 298 CYS A 302 5 ? 5  
HELX_P HELX_P2 2 LEU A 26 ? CYS A 34 ? LEU A 322 CYS A 330 1 ? 9  
HELX_P HELX_P3 3 GLU A 35 ? GLY A 38 ? GLU A 331 GLY A 334 5 ? 4  
HELX_P HELX_P4 4 ARG A 65 ? ASN A 77 ? ARG A 361 ASN A 373 1 ? 13 
HELX_P HELX_P5 5 ASN A 92 ? VAL A 98 ? ASN A 388 VAL A 394 1 ? 7  
# 
_struct_conf_type.id          HELX_P 
_struct_conf_type.criteria    ? 
_struct_conf_type.reference   ? 
# 
loop_
_struct_mon_prot_cis.pdbx_id 
_struct_mon_prot_cis.label_comp_id 
_struct_mon_prot_cis.label_seq_id 
_struct_mon_prot_cis.label_asym_id 
_struct_mon_prot_cis.label_alt_id 
_struct_mon_prot_cis.pdbx_PDB_ins_code 
_struct_mon_prot_cis.auth_comp_id 
_struct_mon_prot_cis.auth_seq_id 
_struct_mon_prot_cis.auth_asym_id 
_struct_mon_prot_cis.pdbx_label_comp_id_2 
_struct_mon_prot_cis.pdbx_label_seq_id_2 
_struct_mon_prot_cis.pdbx_label_asym_id_2 
_struct_mon_prot_cis.pdbx_PDB_ins_code_2 
_struct_mon_prot_cis.pdbx_auth_comp_id_2 
_struct_mon_prot_cis.pdbx_auth_seq_id_2 
_struct_mon_prot_cis.pdbx_auth_asym_id_2 
_struct_mon_prot_cis.pdbx_PDB_model_num 
_struct_mon_prot_cis.pdbx_omega_angle 
1 ALA 19 A . ? ALA 315 A GLY 20 A ? GLY 316 A 1 1.62 
2 GLY 50 A . ? GLY 346 A ALA 51 A ? ALA 347 A 1 0.74 
# 
loop_
_struct_sheet.id 
_struct_sheet.type 
_struct_sheet.number_strands 
_struct_sheet.details 
A ? 4 ? 
B ? 2 ? 
# 
loop_
_struct_sheet_order.sheet_id 
_struct_sheet_order.range_id_1 
_struct_sheet_order.range_id_2 
_struct_sheet_order.offset 
_struct_sheet_order.sense 
A 1 2 ? anti-parallel 
A 2 3 ? anti-parallel 
A 3 4 ? anti-parallel 
B 1 2 ? anti-parallel 
# 
loop_
_struct_sheet_range.sheet_id 
_struct_sheet_range.id 
_struct_sheet_range.beg_label_comp_id 
_struct_sheet_range.beg_label_asym_id 
_struct_sheet_range.beg_label_seq_id 
_struct_sheet_range.pdbx_beg_PDB_ins_code 
_struct_sheet_range.end_label_comp_id 
_struct_sheet_range.end_label_asym_id 
_struct_sheet_range.end_label_seq_id 
_struct_sheet_range.pdbx_end_PDB_ins_code 
_struct_sheet_range.beg_auth_comp_id 
_struct_sheet_range.beg_auth_asym_id 
_struct_sheet_range.beg_auth_seq_id 
_struct_sheet_range.end_auth_comp_id 
_struct_sheet_range.end_auth_asym_id 
_struct_sheet_range.end_auth_seq_id 
A 1 VAL A 40 ? GLU A 47 ? VAL A 336 GLU A 343 
A 2 VAL A 57 ? PHE A 63 ? VAL A 353 PHE A 359 
A 3 VAL A 10 ? ARG A 14 ? VAL A 306 ARG A 310 
A 4 LYS A 87 ? PHE A 90 ? LYS A 383 PHE A 386 
B 1 TYR A 80 ? PHE A 81 ? TYR A 376 PHE A 377 
B 2 ARG A 84 ? VAL A 85 ? ARG A 380 VAL A 381 
# 
loop_
_pdbx_struct_sheet_hbond.sheet_id 
_pdbx_struct_sheet_hbond.range_id_1 
_pdbx_struct_sheet_hbond.range_id_2 
_pdbx_struct_sheet_hbond.range_1_label_atom_id 
_pdbx_struct_sheet_hbond.range_1_label_comp_id 
_pdbx_struct_sheet_hbond.range_1_label_asym_id 
_pdbx_struct_sheet_hbond.range_1_label_seq_id 
_pdbx_struct_sheet_hbond.range_1_PDB_ins_code 
_pdbx_struct_sheet_hbond.range_1_auth_atom_id 
_pdbx_struct_sheet_hbond.range_1_auth_comp_id 
_pdbx_struct_sheet_hbond.range_1_auth_asym_id 
_pdbx_struct_sheet_hbond.range_1_auth_seq_id 
_pdbx_struct_sheet_hbond.range_2_label_atom_id 
_pdbx_struct_sheet_hbond.range_2_label_comp_id 
_pdbx_struct_sheet_hbond.range_2_label_asym_id 
_pdbx_struct_sheet_hbond.range_2_label_seq_id 
_pdbx_struct_sheet_hbond.range_2_PDB_ins_code 
_pdbx_struct_sheet_hbond.range_2_auth_atom_id 
_pdbx_struct_sheet_hbond.range_2_auth_comp_id 
_pdbx_struct_sheet_hbond.range_2_auth_asym_id 
_pdbx_struct_sheet_hbond.range_2_auth_seq_id 
A 1 2 N PHE A 46 ? N PHE A 342 O ARG A 58 ? O ARG A 354 
A 2 3 O ILE A 59 ? O ILE A 355 N LEU A 13 ? N LEU A 309 
A 3 4 N ARG A 14 ? N ARG A 310 O LYS A 87 ? O LYS A 383 
B 1 2 N PHE A 81 ? N PHE A 377 O ARG A 84 ? O ARG A 380 
# 
_atom_sites.entry_id                    2PE8 
_atom_sites.fract_transf_matrix[1][1]   -0.00921181 
_atom_sites.fract_transf_matrix[1][2]   0.01252509 
_atom_sites.fract_transf_matrix[1][3]   -0.00177644 
_atom_sites.fract_transf_matrix[2][1]   0.00446502 
_atom_sites.fract_transf_matrix[2][2]   0.00186935 
_atom_sites.fract_transf_matrix[2][3]   -0.00997339 
_atom_sites.fract_transf_matrix[3][1]   -0.00707286 
_atom_sites.fract_transf_matrix[3][2]   -0.00580529 
_atom_sites.fract_transf_matrix[3][3]   -0.00425458 
_atom_sites.fract_transf_vector[1]      0.248605 
_atom_sites.fract_transf_vector[2]      -0.072176 
_atom_sites.fract_transf_vector[3]      -0.114802 
# 
loop_
_atom_type.symbol 
C 
N 
O 
S 
# 
loop_
_atom_site.group_PDB 
_atom_site.id 
_atom_site.type_symbol 
_atom_site.label_atom_id 
_atom_site.label_alt_id 
_atom_site.label_comp_id 
_atom_site.label_asym_id 
_atom_site.label_entity_id 
_atom_site.label_seq_id 
_atom_site.pdbx_PDB_ins_code 
_atom_site.Cartn_x 
_atom_site.Cartn_y 
_atom_site.Cartn_z 
_atom_site.occupancy 
_atom_site.B_iso_or_equiv 
_atom_site.pdbx_formal_charge 
_atom_site.auth_seq_id 
_atom_site.auth_comp_id 
_atom_site.auth_asym_id 
_atom_site.auth_atom_id 
_atom_site.pdbx_PDB_model_num 
ATOM   1   N N   . ALA A 1 2   ? 15.774  -5.654  2.906   1.00 65.12 ? 298 ALA A N   1 
ATOM   2   C CA  . ALA A 1 2   ? 14.305  -5.879  2.742   1.00 64.95 ? 298 ALA A CA  1 
ATOM   3   C C   . ALA A 1 2   ? 13.762  -5.013  1.604   1.00 64.98 ? 298 ALA A C   1 
ATOM   4   O O   . ALA A 1 2   ? 14.062  -3.816  1.540   1.00 64.97 ? 298 ALA A O   1 
ATOM   5   C CB  . ALA A 1 2   ? 13.570  -5.570  4.046   1.00 65.17 ? 298 ALA A CB  1 
ATOM   6   N N   . MET A 1 3   ? 12.969  -5.619  0.714   1.00 64.54 ? 299 MET A N   1 
ATOM   7   C CA  . MET A 1 3   ? 12.338  -4.888  -0.403  1.00 64.25 ? 299 MET A CA  1 
ATOM   8   C C   . MET A 1 3   ? 11.584  -3.640  0.055   1.00 63.49 ? 299 MET A C   1 
ATOM   9   O O   . MET A 1 3   ? 11.567  -2.624  -0.647  1.00 63.57 ? 299 MET A O   1 
ATOM   10  C CB  . MET A 1 3   ? 11.366  -5.795  -1.183  1.00 64.43 ? 299 MET A CB  1 
ATOM   11  C CG  . MET A 1 3   ? 10.152  -5.050  -1.748  1.00 64.26 ? 299 MET A CG  1 
ATOM   12  S SD  . MET A 1 3   ? 9.033   -5.988  -2.749  1.00 67.02 ? 299 MET A SD  1 
ATOM   13  C CE  . MET A 1 3   ? 9.118   -7.602  -1.987  1.00 67.62 ? 299 MET A CE  1 
ATOM   14  N N   . GLY A 1 4   ? 10.934  -3.732  1.211   1.00 62.63 ? 300 GLY A N   1 
ATOM   15  C CA  . GLY A 1 4   ? 10.126  -2.638  1.735   1.00 61.77 ? 300 GLY A CA  1 
ATOM   16  C C   . GLY A 1 4   ? 10.827  -1.307  1.964   1.00 60.81 ? 300 GLY A C   1 
ATOM   17  O O   . GLY A 1 4   ? 10.177  -0.262  1.966   1.00 60.33 ? 300 GLY A O   1 
ATOM   18  N N   . LYS A 1 5   ? 12.145  -1.340  2.170   1.00 60.49 ? 301 LYS A N   1 
ATOM   19  C CA  . LYS A 1 5   ? 12.922  -0.126  2.468   1.00 60.34 ? 301 LYS A CA  1 
ATOM   20  C C   . LYS A 1 5   ? 13.385  0.650   1.229   1.00 59.93 ? 301 LYS A C   1 
ATOM   21  O O   . LYS A 1 5   ? 13.748  1.812   1.338   1.00 59.68 ? 301 LYS A O   1 
ATOM   22  C CB  . LYS A 1 5   ? 14.160  -0.462  3.306   1.00 60.17 ? 301 LYS A CB  1 
ATOM   23  C CG  . LYS A 1 5   ? 13.943  -1.399  4.479   1.00 60.37 ? 301 LYS A CG  1 
ATOM   24  C CD  . LYS A 1 5   ? 12.832  -0.939  5.395   1.00 60.15 ? 301 LYS A CD  1 
ATOM   25  C CE  . LYS A 1 5   ? 12.873  -1.720  6.703   1.00 60.28 ? 301 LYS A CE  1 
ATOM   26  N NZ  . LYS A 1 5   ? 11.699  -1.392  7.547   1.00 61.32 ? 301 LYS A NZ  1 
ATOM   27  N N   . CYS A 1 6   ? 13.397  0.003   0.064   1.00 60.02 ? 302 CYS A N   1 
ATOM   28  C CA  . CYS A 1 6   ? 13.949  0.604   -1.159  1.00 59.66 ? 302 CYS A CA  1 
ATOM   29  C C   . CYS A 1 6   ? 12.922  1.504   -1.843  1.00 58.52 ? 302 CYS A C   1 
ATOM   30  O O   . CYS A 1 6   ? 11.914  1.011   -2.312  1.00 58.02 ? 302 CYS A O   1 
ATOM   31  C CB  . CYS A 1 6   ? 14.374  -0.487  -2.138  1.00 59.92 ? 302 CYS A CB  1 
ATOM   32  S SG  . CYS A 1 6   ? 15.587  -1.617  -1.466  1.00 64.99 ? 302 CYS A SG  1 
ATOM   33  N N   . PRO A 1 7   ? 13.199  2.815   -1.947  1.00 58.16 ? 303 PRO A N   1 
ATOM   34  C CA  . PRO A 1 7   ? 12.237  3.749   -2.534  1.00 57.86 ? 303 PRO A CA  1 
ATOM   35  C C   . PRO A 1 7   ? 11.882  3.451   -3.993  1.00 57.49 ? 303 PRO A C   1 
ATOM   36  O O   . PRO A 1 7   ? 12.769  3.318   -4.842  1.00 56.69 ? 303 PRO A O   1 
ATOM   37  C CB  . PRO A 1 7   ? 12.946  5.102   -2.423  1.00 57.64 ? 303 PRO A CB  1 
ATOM   38  C CG  . PRO A 1 7   ? 13.948  4.919   -1.367  1.00 58.10 ? 303 PRO A CG  1 
ATOM   39  C CD  . PRO A 1 7   ? 14.421  3.518   -1.525  1.00 58.17 ? 303 PRO A CD  1 
ATOM   40  N N   . THR A 1 8   ? 10.583  3.337   -4.253  1.00 56.96 ? 304 THR A N   1 
ATOM   41  C CA  . THR A 1 8   ? 10.028  3.172   -5.592  1.00 57.03 ? 304 THR A CA  1 
ATOM   42  C C   . THR A 1 8   ? 8.726   3.969   -5.671  1.00 57.02 ? 304 THR A C   1 
ATOM   43  O O   . THR A 1 8   ? 8.255   4.502   -4.663  1.00 56.94 ? 304 THR A O   1 
ATOM   44  C CB  . THR A 1 8   ? 9.703   1.690   -5.909  1.00 56.80 ? 304 THR A CB  1 
ATOM   45  O OG1 . THR A 1 8   ? 8.623   1.245   -5.076  1.00 57.08 ? 304 THR A OG1 1 
ATOM   46  C CG2 . THR A 1 8   ? 10.924  0.787   -5.702  1.00 55.85 ? 304 THR A CG2 1 
ATOM   47  N N   . LYS A 1 9   ? 8.148   4.026   -6.870  1.00 57.24 ? 305 LYS A N   1 
ATOM   48  C CA  . LYS A 1 9   ? 6.837   4.649   -7.109  1.00 57.36 ? 305 LYS A CA  1 
ATOM   49  C C   . LYS A 1 9   ? 5.644   3.876   -6.498  1.00 57.11 ? 305 LYS A C   1 
ATOM   50  O O   . LYS A 1 9   ? 4.520   4.380   -6.502  1.00 56.89 ? 305 LYS A O   1 
ATOM   51  C CB  . LYS A 1 9   ? 6.603   4.791   -8.622  1.00 57.73 ? 305 LYS A CB  1 
ATOM   52  C CG  . LYS A 1 9   ? 7.523   5.799   -9.341  1.00 58.75 ? 305 LYS A CG  1 
ATOM   53  C CD  . LYS A 1 9   ? 7.854   5.402   -10.793 1.00 59.06 ? 305 LYS A CD  1 
ATOM   54  C CE  . LYS A 1 9   ? 6.615   5.244   -11.665 1.00 60.37 ? 305 LYS A CE  1 
ATOM   55  N NZ  . LYS A 1 9   ? 6.919   5.169   -13.132 1.00 60.61 ? 305 LYS A NZ  1 
ATOM   56  N N   . VAL A 1 10  ? 5.872   2.646   -6.031  1.00 56.40 ? 306 VAL A N   1 
ATOM   57  C CA  . VAL A 1 10  ? 4.795   1.785   -5.530  1.00 55.99 ? 306 VAL A CA  1 
ATOM   58  C C   . VAL A 1 10  ? 4.836   1.696   -4.001  1.00 55.56 ? 306 VAL A C   1 
ATOM   59  O O   . VAL A 1 10  ? 5.842   1.329   -3.413  1.00 55.38 ? 306 VAL A O   1 
ATOM   60  C CB  . VAL A 1 10  ? 4.857   0.358   -6.148  1.00 55.87 ? 306 VAL A CB  1 
ATOM   61  C CG1 . VAL A 1 10  ? 3.632   -0.472  -5.739  1.00 55.35 ? 306 VAL A CG1 1 
ATOM   62  C CG2 . VAL A 1 10  ? 4.934   0.437   -7.653  1.00 55.40 ? 306 VAL A CG2 1 
ATOM   63  N N   . VAL A 1 11  ? 3.724   2.047   -3.371  1.00 55.56 ? 307 VAL A N   1 
ATOM   64  C CA  . VAL A 1 11  ? 3.588   1.994   -1.938  1.00 55.25 ? 307 VAL A CA  1 
ATOM   65  C C   . VAL A 1 11  ? 2.693   0.811   -1.583  1.00 54.82 ? 307 VAL A C   1 
ATOM   66  O O   . VAL A 1 11  ? 1.689   0.599   -2.235  1.00 54.63 ? 307 VAL A O   1 
ATOM   67  C CB  . VAL A 1 11  ? 3.006   3.309   -1.412  1.00 55.46 ? 307 VAL A CB  1 
ATOM   68  C CG1 . VAL A 1 11  ? 2.724   3.241   0.099   1.00 54.65 ? 307 VAL A CG1 1 
ATOM   69  C CG2 . VAL A 1 11  ? 3.972   4.447   -1.731  1.00 56.60 ? 307 VAL A CG2 1 
ATOM   70  N N   . LEU A 1 12  ? 3.100   0.033   -0.580  1.00 54.75 ? 308 LEU A N   1 
ATOM   71  C CA  . LEU A 1 12  ? 2.267   -1.012  0.018   1.00 54.27 ? 308 LEU A CA  1 
ATOM   72  C C   . LEU A 1 12  ? 1.779   -0.580  1.412   1.00 54.47 ? 308 LEU A C   1 
ATOM   73  O O   . LEU A 1 12  ? 2.565   -0.214  2.293   1.00 54.52 ? 308 LEU A O   1 
ATOM   74  C CB  . LEU A 1 12  ? 3.018   -2.341  0.107   1.00 54.09 ? 308 LEU A CB  1 
ATOM   75  C CG  . LEU A 1 12  ? 2.359   -3.458  0.924   1.00 54.18 ? 308 LEU A CG  1 
ATOM   76  C CD1 . LEU A 1 12  ? 0.951   -3.836  0.360   1.00 49.66 ? 308 LEU A CD1 1 
ATOM   77  C CD2 . LEU A 1 12  ? 3.280   -4.670  1.020   1.00 53.57 ? 308 LEU A CD2 1 
ATOM   78  N N   . LEU A 1 13  ? 0.465   -0.632  1.589   1.00 54.21 ? 309 LEU A N   1 
ATOM   79  C CA  . LEU A 1 13  ? -0.167  -0.341  2.852   1.00 54.29 ? 309 LEU A CA  1 
ATOM   80  C C   . LEU A 1 13  ? -0.699  -1.651  3.428   1.00 54.23 ? 309 LEU A C   1 
ATOM   81  O O   . LEU A 1 13  ? -1.476  -2.361  2.778   1.00 53.22 ? 309 LEU A O   1 
ATOM   82  C CB  . LEU A 1 13  ? -1.275  0.683   2.666   1.00 54.69 ? 309 LEU A CB  1 
ATOM   83  C CG  . LEU A 1 13  ? -0.909  2.053   2.059   1.00 55.65 ? 309 LEU A CG  1 
ATOM   84  C CD1 . LEU A 1 13  ? -2.177  2.898   2.029   1.00 54.27 ? 309 LEU A CD1 1 
ATOM   85  C CD2 . LEU A 1 13  ? 0.210   2.782   2.837   1.00 54.03 ? 309 LEU A CD2 1 
ATOM   86  N N   . ARG A 1 14  ? -0.222  -1.994  4.625   1.00 54.52 ? 310 ARG A N   1 
ATOM   87  C CA  . ARG A 1 14  ? -0.698  -3.167  5.360   1.00 54.73 ? 310 ARG A CA  1 
ATOM   88  C C   . ARG A 1 14  ? -1.460  -2.719  6.624   1.00 54.77 ? 310 ARG A C   1 
ATOM   89  O O   . ARG A 1 14  ? -1.268  -1.602  7.112   1.00 53.01 ? 310 ARG A O   1 
ATOM   90  C CB  . ARG A 1 14  ? 0.462   -4.077  5.708   1.00 54.96 ? 310 ARG A CB  1 
ATOM   91  C CG  . ARG A 1 14  ? 1.013   -4.824  4.480   1.00 55.07 ? 310 ARG A CG  1 
ATOM   92  C CD  . ARG A 1 14  ? 2.275   -5.582  4.800   1.00 56.58 ? 310 ARG A CD  1 
ATOM   93  N NE  . ARG A 1 14  ? 3.358   -4.661  5.129   1.00 58.33 ? 310 ARG A NE  1 
ATOM   94  C CZ  . ARG A 1 14  ? 4.338   -4.924  5.993   1.00 57.57 ? 310 ARG A CZ  1 
ATOM   95  N NH1 . ARG A 1 14  ? 4.389   -6.083  6.629   1.00 57.53 ? 310 ARG A NH1 1 
ATOM   96  N NH2 . ARG A 1 14  ? 5.264   -3.998  6.242   1.00 58.19 ? 310 ARG A NH2 1 
ATOM   97  N N   . ASN A 1 15  ? -2.328  -3.607  7.100   1.00 54.91 ? 311 ASN A N   1 
ATOM   98  C CA  . ASN A 1 15  ? -3.109  -3.440  8.317   1.00 56.50 ? 311 ASN A CA  1 
ATOM   99  C C   . ASN A 1 15  ? -4.015  -2.210  8.295   1.00 57.47 ? 311 ASN A C   1 
ATOM   100 O O   . ASN A 1 15  ? -4.308  -1.619  9.335   1.00 57.25 ? 311 ASN A O   1 
ATOM   101 C CB  . ASN A 1 15  ? -2.191  -3.427  9.542   1.00 55.54 ? 311 ASN A CB  1 
ATOM   102 C CG  . ASN A 1 15  ? -2.950  -3.542  10.841  1.00 54.78 ? 311 ASN A CG  1 
ATOM   103 O OD1 . ASN A 1 15  ? -2.633  -2.862  11.821  1.00 52.38 ? 311 ASN A OD1 1 
ATOM   104 N ND2 . ASN A 1 15  ? -3.971  -4.387  10.855  1.00 48.64 ? 311 ASN A ND2 1 
ATOM   105 N N   . MET A 1 16  ? -4.479  -1.845  7.109   1.00 59.23 ? 312 MET A N   1 
ATOM   106 C CA  . MET A 1 16  ? -5.378  -0.718  6.980   1.00 61.24 ? 312 MET A CA  1 
ATOM   107 C C   . MET A 1 16  ? -6.827  -1.154  7.171   1.00 61.47 ? 312 MET A C   1 
ATOM   108 O O   . MET A 1 16  ? -7.643  -0.409  7.731   1.00 61.37 ? 312 MET A O   1 
ATOM   109 C CB  . MET A 1 16  ? -5.170  -0.023  5.638   1.00 61.93 ? 312 MET A CB  1 
ATOM   110 C CG  . MET A 1 16  ? -5.315  1.483   5.770   1.00 63.71 ? 312 MET A CG  1 
ATOM   111 S SD  . MET A 1 16  ? -5.393  2.302   4.189   1.00 66.55 ? 312 MET A SD  1 
ATOM   112 C CE  . MET A 1 16  ? -4.363  3.721   4.547   1.00 66.36 ? 312 MET A CE  1 
ATOM   113 N N   . VAL A 1 17  ? -7.136  -2.365  6.711   1.00 62.13 ? 313 VAL A N   1 
ATOM   114 C CA  . VAL A 1 17  ? -8.434  -2.990  6.932   1.00 62.60 ? 313 VAL A CA  1 
ATOM   115 C C   . VAL A 1 17  ? -8.228  -4.497  7.002   1.00 63.15 ? 313 VAL A C   1 
ATOM   116 O O   . VAL A 1 17  ? -7.211  -4.995  6.520   1.00 62.65 ? 313 VAL A O   1 
ATOM   117 C CB  . VAL A 1 17  ? -9.379  -2.639  5.808   1.00 62.89 ? 313 VAL A CB  1 
ATOM   118 N N   . GLY A 1 18  ? -9.171  -5.202  7.624   1.00 63.34 ? 314 GLY A N   1 
ATOM   119 C CA  . GLY A 1 18  ? -9.170  -6.676  7.664   1.00 64.13 ? 314 GLY A CA  1 
ATOM   120 C C   . GLY A 1 18  ? -9.947  -7.251  6.486   1.00 64.53 ? 314 GLY A C   1 
ATOM   121 O O   . GLY A 1 18  ? -10.371 -6.508  5.614   1.00 64.75 ? 314 GLY A O   1 
ATOM   122 N N   . ALA A 1 19  ? -10.137 -8.565  6.451   1.00 65.40 ? 315 ALA A N   1 
ATOM   123 C CA  . ALA A 1 19  ? -10.872 -9.218  5.346   1.00 65.95 ? 315 ALA A CA  1 
ATOM   124 C C   . ALA A 1 19  ? -12.395 -9.293  5.583   1.00 66.90 ? 315 ALA A C   1 
ATOM   125 O O   . ALA A 1 19  ? -12.829 -10.240 6.233   1.00 67.41 ? 315 ALA A O   1 
ATOM   126 C CB  . ALA A 1 19  ? -10.328 -10.626 5.148   1.00 65.94 ? 315 ALA A CB  1 
ATOM   127 N N   . GLY A 1 20  ? -13.234 -8.377  5.067   1.00 67.94 ? 316 GLY A N   1 
ATOM   128 C CA  . GLY A 1 20  ? -12.891 -7.227  4.208   1.00 68.68 ? 316 GLY A CA  1 
ATOM   129 C C   . GLY A 1 20  ? -13.067 -5.873  4.916   1.00 69.44 ? 316 GLY A C   1 
ATOM   130 O O   . GLY A 1 20  ? -12.943 -5.808  6.147   1.00 69.67 ? 316 GLY A O   1 
ATOM   131 N N   . GLU A 1 21  ? -13.464 -4.806  4.205   1.00 69.98 ? 317 GLU A N   1 
ATOM   132 C CA  . GLU A 1 21  ? -14.411 -4.869  3.074   1.00 70.38 ? 317 GLU A CA  1 
ATOM   133 C C   . GLU A 1 21  ? -13.880 -4.544  1.667   1.00 70.42 ? 317 GLU A C   1 
ATOM   134 O O   . GLU A 1 21  ? -12.678 -4.595  1.401   1.00 70.17 ? 317 GLU A O   1 
ATOM   135 C CB  . GLU A 1 21  ? -15.617 -3.960  3.392   1.00 70.56 ? 317 GLU A CB  1 
ATOM   136 N N   . VAL A 1 22  ? -14.833 -4.266  0.770   1.00 70.56 ? 318 VAL A N   1 
ATOM   137 C CA  . VAL A 1 22  ? -14.581 -3.772  -0.584  1.00 70.55 ? 318 VAL A CA  1 
ATOM   138 C C   . VAL A 1 22  ? -14.938 -2.283  -0.698  1.00 70.54 ? 318 VAL A C   1 
ATOM   139 O O   . VAL A 1 22  ? -16.068 -1.919  -1.176  1.00 70.40 ? 318 VAL A O   1 
ATOM   140 C CB  . VAL A 1 22  ? -15.393 -4.587  -1.595  1.00 70.51 ? 318 VAL A CB  1 
ATOM   141 N N   . LEU A 1 26  ? -13.483 0.879   -1.772  1.00 62.40 ? 322 LEU A N   1 
ATOM   142 C CA  . LEU A 1 26  ? -12.203 1.046   -1.074  1.00 62.60 ? 322 LEU A CA  1 
ATOM   143 C C   . LEU A 1 26  ? -11.072 1.446   -2.034  1.00 62.63 ? 322 LEU A C   1 
ATOM   144 O O   . LEU A 1 26  ? -10.272 2.322   -1.715  1.00 62.73 ? 322 LEU A O   1 
ATOM   145 C CB  . LEU A 1 26  ? -11.819 -0.235  -0.314  1.00 62.41 ? 322 LEU A CB  1 
ATOM   146 C CG  . LEU A 1 26  ? -11.091 -0.098  1.037   1.00 62.37 ? 322 LEU A CG  1 
ATOM   147 C CD1 . LEU A 1 26  ? -10.022 -1.178  1.211   1.00 61.57 ? 322 LEU A CD1 1 
ATOM   148 C CD2 . LEU A 1 26  ? -10.457 1.267   1.232   1.00 62.00 ? 322 LEU A CD2 1 
ATOM   149 N N   . GLU A 1 27  ? -11.013 0.798   -3.200  1.00 62.83 ? 323 GLU A N   1 
ATOM   150 C CA  . GLU A 1 27  ? -9.981  1.076   -4.214  1.00 62.90 ? 323 GLU A CA  1 
ATOM   151 C C   . GLU A 1 27  ? -10.069 2.530   -4.684  1.00 62.91 ? 323 GLU A C   1 
ATOM   152 O O   . GLU A 1 27  ? -9.055  3.204   -4.815  1.00 62.78 ? 323 GLU A O   1 
ATOM   153 C CB  . GLU A 1 27  ? -10.117 0.112   -5.414  1.00 62.95 ? 323 GLU A CB  1 
ATOM   154 C CG  . GLU A 1 27  ? -8.837  -0.083  -6.242  1.00 62.90 ? 323 GLU A CG  1 
ATOM   155 C CD  . GLU A 1 27  ? -9.033  -0.984  -7.476  1.00 63.35 ? 323 GLU A CD  1 
ATOM   156 O OE1 . GLU A 1 27  ? -8.559  -2.147  -7.479  1.00 63.44 ? 323 GLU A OE1 1 
ATOM   157 O OE2 . GLU A 1 27  ? -9.651  -0.523  -8.456  1.00 64.17 ? 323 GLU A OE2 1 
ATOM   158 N N   . VAL A 1 28  ? -11.292 3.003   -4.926  1.00 63.04 ? 324 VAL A N   1 
ATOM   159 C CA  . VAL A 1 28  ? -11.543 4.397   -5.308  1.00 63.05 ? 324 VAL A CA  1 
ATOM   160 C C   . VAL A 1 28  ? -11.345 5.352   -4.122  1.00 63.05 ? 324 VAL A C   1 
ATOM   161 O O   . VAL A 1 28  ? -10.874 6.480   -4.292  1.00 63.03 ? 324 VAL A O   1 
ATOM   162 C CB  . VAL A 1 28  ? -12.960 4.542   -5.879  1.00 62.85 ? 324 VAL A CB  1 
ATOM   163 N N   . GLU A 1 29  ? -11.700 4.882   -2.928  1.00 63.09 ? 325 GLU A N   1 
ATOM   164 C CA  . GLU A 1 29  ? -11.680 5.698   -1.712  1.00 63.14 ? 325 GLU A CA  1 
ATOM   165 C C   . GLU A 1 29  ? -10.275 5.925   -1.176  1.00 63.00 ? 325 GLU A C   1 
ATOM   166 O O   . GLU A 1 29  ? -9.941  7.042   -0.778  1.00 63.06 ? 325 GLU A O   1 
ATOM   167 C CB  . GLU A 1 29  ? -12.552 5.048   -0.632  1.00 63.30 ? 325 GLU A CB  1 
ATOM   168 C CG  . GLU A 1 29  ? -14.030 4.939   -1.020  1.00 63.54 ? 325 GLU A CG  1 
ATOM   169 C CD  . GLU A 1 29  ? -14.727 3.711   -0.437  1.00 63.80 ? 325 GLU A CD  1 
ATOM   170 O OE1 . GLU A 1 29  ? -14.151 3.054   0.460   1.00 65.23 ? 325 GLU A OE1 1 
ATOM   171 O OE2 . GLU A 1 29  ? -15.857 3.403   -0.883  1.00 63.09 ? 325 GLU A OE2 1 
ATOM   172 N N   . THR A 1 30  ? -9.459  4.866   -1.151  1.00 62.86 ? 326 THR A N   1 
ATOM   173 C CA  . THR A 1 30  ? -8.050  4.967   -0.752  1.00 62.72 ? 326 THR A CA  1 
ATOM   174 C C   . THR A 1 30  ? -7.250  5.768   -1.781  1.00 62.41 ? 326 THR A C   1 
ATOM   175 O O   . THR A 1 30  ? -6.450  6.625   -1.421  1.00 62.14 ? 326 THR A O   1 
ATOM   176 C CB  . THR A 1 30  ? -7.408  3.572   -0.575  1.00 62.82 ? 326 THR A CB  1 
ATOM   177 O OG1 . THR A 1 30  ? -8.116  2.856   0.445   1.00 63.67 ? 326 THR A OG1 1 
ATOM   178 C CG2 . THR A 1 30  ? -5.949  3.693   -0.182  1.00 62.36 ? 326 THR A CG2 1 
ATOM   179 N N   . LYS A 1 31  ? -7.482  5.484   -3.057  1.00 62.10 ? 327 LYS A N   1 
ATOM   180 C CA  . LYS A 1 31  ? -6.883  6.249   -4.149  1.00 62.06 ? 327 LYS A CA  1 
ATOM   181 C C   . LYS A 1 31  ? -7.186  7.746   -4.016  1.00 61.70 ? 327 LYS A C   1 
ATOM   182 O O   . LYS A 1 31  ? -6.288  8.573   -4.156  1.00 61.25 ? 327 LYS A O   1 
ATOM   183 C CB  . LYS A 1 31  ? -7.377  5.711   -5.499  1.00 61.96 ? 327 LYS A CB  1 
ATOM   184 C CG  . LYS A 1 31  ? -6.732  6.334   -6.722  1.00 62.13 ? 327 LYS A CG  1 
ATOM   185 C CD  . LYS A 1 31  ? -7.107  5.565   -7.987  1.00 62.34 ? 327 LYS A CD  1 
ATOM   186 C CE  . LYS A 1 31  ? -7.306  6.484   -9.196  1.00 62.50 ? 327 LYS A CE  1 
ATOM   187 N NZ  . LYS A 1 31  ? -6.064  7.221   -9.570  1.00 62.88 ? 327 LYS A NZ  1 
ATOM   188 N N   . GLU A 1 32  ? -8.447  8.085   -3.732  1.00 61.72 ? 328 GLU A N   1 
ATOM   189 C CA  . GLU A 1 32  ? -8.858  9.484   -3.541  1.00 61.49 ? 328 GLU A CA  1 
ATOM   190 C C   . GLU A 1 32  ? -8.165  10.126  -2.333  1.00 61.25 ? 328 GLU A C   1 
ATOM   191 O O   . GLU A 1 32  ? -7.789  11.301  -2.381  1.00 61.04 ? 328 GLU A O   1 
ATOM   192 C CB  . GLU A 1 32  ? -10.387 9.591   -3.402  1.00 61.43 ? 328 GLU A CB  1 
ATOM   193 N N   . GLU A 1 33  ? -8.006  9.355   -1.257  1.00 61.04 ? 329 GLU A N   1 
ATOM   194 C CA  . GLU A 1 33  ? -7.345  9.829   -0.036  1.00 61.25 ? 329 GLU A CA  1 
ATOM   195 C C   . GLU A 1 33  ? -5.855  10.088  -0.254  1.00 61.34 ? 329 GLU A C   1 
ATOM   196 O O   . GLU A 1 33  ? -5.295  11.016  0.321   1.00 61.57 ? 329 GLU A O   1 
ATOM   197 C CB  . GLU A 1 33  ? -7.535  8.820   1.106   1.00 60.81 ? 329 GLU A CB  1 
ATOM   198 N N   . CYS A 1 34  ? -5.221  9.254   -1.079  1.00 61.53 ? 330 CYS A N   1 
ATOM   199 C CA  . CYS A 1 34  ? -3.783  9.344   -1.342  1.00 61.35 ? 330 CYS A CA  1 
ATOM   200 C C   . CYS A 1 34  ? -3.423  10.320  -2.468  1.00 61.15 ? 330 CYS A C   1 
ATOM   201 O O   . CYS A 1 34  ? -2.258  10.405  -2.855  1.00 60.90 ? 330 CYS A O   1 
ATOM   202 C CB  . CYS A 1 34  ? -3.219  7.951   -1.655  1.00 61.62 ? 330 CYS A CB  1 
ATOM   203 S SG  . CYS A 1 34  ? -3.173  6.843   -0.224  1.00 63.62 ? 330 CYS A SG  1 
ATOM   204 N N   . GLU A 1 35  ? -4.408  11.060  -2.982  1.00 60.90 ? 331 GLU A N   1 
ATOM   205 C CA  . GLU A 1 35  ? -4.145  12.120  -3.965  1.00 60.82 ? 331 GLU A CA  1 
ATOM   206 C C   . GLU A 1 35  ? -3.435  13.327  -3.344  1.00 60.50 ? 331 GLU A C   1 
ATOM   207 O O   . GLU A 1 35  ? -2.803  14.102  -4.059  1.00 60.23 ? 331 GLU A O   1 
ATOM   208 C CB  . GLU A 1 35  ? -5.443  12.603  -4.637  1.00 60.97 ? 331 GLU A CB  1 
ATOM   209 C CG  . GLU A 1 35  ? -6.255  11.533  -5.372  1.00 61.68 ? 331 GLU A CG  1 
ATOM   210 C CD  . GLU A 1 35  ? -5.590  11.015  -6.648  1.00 62.41 ? 331 GLU A CD  1 
ATOM   211 O OE1 . GLU A 1 35  ? -4.344  10.971  -6.712  1.00 62.70 ? 331 GLU A OE1 1 
ATOM   212 O OE2 . GLU A 1 35  ? -6.326  10.645  -7.590  1.00 62.11 ? 331 GLU A OE2 1 
ATOM   213 N N   . LYS A 1 36  ? -3.545  13.486  -2.024  1.00 60.31 ? 332 LYS A N   1 
ATOM   214 C CA  . LYS A 1 36  ? -2.833  14.556  -1.314  1.00 60.11 ? 332 LYS A CA  1 
ATOM   215 C C   . LYS A 1 36  ? -1.300  14.467  -1.445  1.00 59.51 ? 332 LYS A C   1 
ATOM   216 O O   . LYS A 1 36  ? -0.604  15.475  -1.290  1.00 59.57 ? 332 LYS A O   1 
ATOM   217 C CB  . LYS A 1 36  ? -3.230  14.592  0.170   1.00 60.23 ? 332 LYS A CB  1 
ATOM   218 C CG  . LYS A 1 36  ? -2.925  13.327  0.967   1.00 60.79 ? 332 LYS A CG  1 
ATOM   219 C CD  . LYS A 1 36  ? -2.879  13.602  2.473   1.00 61.31 ? 332 LYS A CD  1 
ATOM   220 C CE  . LYS A 1 36  ? -3.490  12.448  3.269   1.00 62.22 ? 332 LYS A CE  1 
ATOM   221 N NZ  . LYS A 1 36  ? -4.989  12.525  3.201   1.00 63.30 ? 332 LYS A NZ  1 
ATOM   222 N N   . TYR A 1 37  ? -0.783  13.272  -1.725  1.00 58.97 ? 333 TYR A N   1 
ATOM   223 C CA  . TYR A 1 37  ? 0.664   13.057  -1.867  1.00 58.64 ? 333 TYR A CA  1 
ATOM   224 C C   . TYR A 1 37  ? 1.141   13.289  -3.309  1.00 58.51 ? 333 TYR A C   1 
ATOM   225 O O   . TYR A 1 37  ? 2.314   13.575  -3.547  1.00 58.43 ? 333 TYR A O   1 
ATOM   226 C CB  . TYR A 1 37  ? 1.054   11.664  -1.368  1.00 58.40 ? 333 TYR A CB  1 
ATOM   227 C CG  . TYR A 1 37  ? 0.547   11.372  0.026   1.00 57.76 ? 333 TYR A CG  1 
ATOM   228 C CD1 . TYR A 1 37  ? 0.946   12.150  1.109   1.00 57.02 ? 333 TYR A CD1 1 
ATOM   229 C CD2 . TYR A 1 37  ? -0.347  10.333  0.257   1.00 57.69 ? 333 TYR A CD2 1 
ATOM   230 C CE1 . TYR A 1 37  ? 0.461   11.913  2.380   1.00 57.02 ? 333 TYR A CE1 1 
ATOM   231 C CE2 . TYR A 1 37  ? -0.821  10.066  1.530   1.00 58.19 ? 333 TYR A CE2 1 
ATOM   232 C CZ  . TYR A 1 37  ? -0.411  10.858  2.587   1.00 58.34 ? 333 TYR A CZ  1 
ATOM   233 O OH  . TYR A 1 37  ? -0.880  10.592  3.846   1.00 58.52 ? 333 TYR A OH  1 
ATOM   234 N N   . GLY A 1 38  ? 0.215   13.201  -4.261  1.00 58.29 ? 334 GLY A N   1 
ATOM   235 C CA  . GLY A 1 38  ? 0.504   13.441  -5.672  1.00 58.10 ? 334 GLY A CA  1 
ATOM   236 C C   . GLY A 1 38  ? -0.334  12.518  -6.526  1.00 57.88 ? 334 GLY A C   1 
ATOM   237 O O   . GLY A 1 38  ? -1.083  11.693  -5.990  1.00 57.81 ? 334 GLY A O   1 
ATOM   238 N N   . LYS A 1 39  ? -0.201  12.641  -7.847  1.00 57.61 ? 335 LYS A N   1 
ATOM   239 C CA  . LYS A 1 39  ? -0.966  11.816  -8.789  1.00 57.62 ? 335 LYS A CA  1 
ATOM   240 C C   . LYS A 1 39  ? -0.732  10.311  -8.578  1.00 57.51 ? 335 LYS A C   1 
ATOM   241 O O   . LYS A 1 39  ? 0.409   9.847   -8.508  1.00 57.27 ? 335 LYS A O   1 
ATOM   242 C CB  . LYS A 1 39  ? -0.651  12.218  -10.248 1.00 57.53 ? 335 LYS A CB  1 
ATOM   243 N N   . VAL A 1 40  ? -1.832  9.571   -8.455  1.00 57.66 ? 336 VAL A N   1 
ATOM   244 C CA  . VAL A 1 40  ? -1.816  8.117   -8.300  1.00 57.86 ? 336 VAL A CA  1 
ATOM   245 C C   . VAL A 1 40  ? -2.137  7.450   -9.644  1.00 58.08 ? 336 VAL A C   1 
ATOM   246 O O   . VAL A 1 40  ? -3.249  7.583   -10.165 1.00 58.12 ? 336 VAL A O   1 
ATOM   247 C CB  . VAL A 1 40  ? -2.851  7.667   -7.243  1.00 57.78 ? 336 VAL A CB  1 
ATOM   248 C CG1 . VAL A 1 40  ? -2.929  6.150   -7.154  1.00 57.71 ? 336 VAL A CG1 1 
ATOM   249 C CG2 . VAL A 1 40  ? -2.522  8.272   -5.891  1.00 57.85 ? 336 VAL A CG2 1 
ATOM   250 N N   . GLY A 1 41  ? -1.155  6.746   -10.202 1.00 58.35 ? 337 GLY A N   1 
ATOM   251 C CA  . GLY A 1 41  ? -1.342  5.985   -11.430 1.00 58.49 ? 337 GLY A CA  1 
ATOM   252 C C   . GLY A 1 41  ? -2.449  4.961   -11.295 1.00 58.63 ? 337 GLY A C   1 
ATOM   253 O O   . GLY A 1 41  ? -3.379  4.956   -12.084 1.00 59.06 ? 337 GLY A O   1 
ATOM   254 N N   . LYS A 1 42  ? -2.356  4.100   -10.289 1.00 58.92 ? 338 LYS A N   1 
ATOM   255 C CA  . LYS A 1 42  ? -3.393  3.100   -10.038 1.00 58.92 ? 338 LYS A CA  1 
ATOM   256 C C   . LYS A 1 42  ? -3.372  2.612   -8.595  1.00 59.00 ? 338 LYS A C   1 
ATOM   257 O O   . LYS A 1 42  ? -2.424  2.886   -7.849  1.00 58.77 ? 338 LYS A O   1 
ATOM   258 C CB  . LYS A 1 42  ? -3.231  1.913   -10.988 1.00 59.04 ? 338 LYS A CB  1 
ATOM   259 C CG  . LYS A 1 42  ? -1.889  1.203   -10.901 1.00 59.36 ? 338 LYS A CG  1 
ATOM   260 C CD  . LYS A 1 42  ? -1.687  0.219   -12.045 1.00 59.45 ? 338 LYS A CD  1 
ATOM   261 C CE  . LYS A 1 42  ? -2.578  -1.005  -11.926 1.00 59.82 ? 338 LYS A CE  1 
ATOM   262 N NZ  . LYS A 1 42  ? -2.332  -1.961  -13.033 1.00 59.66 ? 338 LYS A NZ  1 
ATOM   263 N N   . CYS A 1 43  ? -4.429  1.898   -8.207  1.00 59.04 ? 339 CYS A N   1 
ATOM   264 C CA  . CYS A 1 43  ? -4.527  1.309   -6.864  1.00 58.99 ? 339 CYS A CA  1 
ATOM   265 C C   . CYS A 1 43  ? -5.045  -0.121  -6.961  1.00 58.80 ? 339 CYS A C   1 
ATOM   266 O O   . CYS A 1 43  ? -6.034  -0.365  -7.637  1.00 58.68 ? 339 CYS A O   1 
ATOM   267 C CB  . CYS A 1 43  ? -5.456  2.140   -5.975  1.00 59.18 ? 339 CYS A CB  1 
ATOM   268 S SG  . CYS A 1 43  ? -5.788  1.417   -4.345  1.00 59.87 ? 339 CYS A SG  1 
ATOM   269 N N   . VAL A 1 44  ? -4.367  -1.058  -6.296  1.00 58.46 ? 340 VAL A N   1 
ATOM   270 C CA  . VAL A 1 44  ? -4.752  -2.476  -6.315  1.00 58.17 ? 340 VAL A CA  1 
ATOM   271 C C   . VAL A 1 44  ? -4.928  -2.969  -4.889  1.00 57.84 ? 340 VAL A C   1 
ATOM   272 O O   . VAL A 1 44  ? -4.031  -2.812  -4.057  1.00 57.57 ? 340 VAL A O   1 
ATOM   273 C CB  . VAL A 1 44  ? -3.689  -3.366  -7.006  1.00 58.09 ? 340 VAL A CB  1 
ATOM   274 C CG1 . VAL A 1 44  ? -4.156  -4.821  -7.059  1.00 58.11 ? 340 VAL A CG1 1 
ATOM   275 C CG2 . VAL A 1 44  ? -3.393  -2.861  -8.404  1.00 59.12 ? 340 VAL A CG2 1 
ATOM   276 N N   . ILE A 1 45  ? -6.090  -3.542  -4.600  1.00 57.75 ? 341 ILE A N   1 
ATOM   277 C CA  . ILE A 1 45  ? -6.333  -4.171  -3.307  1.00 58.08 ? 341 ILE A CA  1 
ATOM   278 C C   . ILE A 1 45  ? -6.171  -5.658  -3.520  1.00 57.81 ? 341 ILE A C   1 
ATOM   279 O O   . ILE A 1 45  ? -6.868  -6.246  -4.351  1.00 57.27 ? 341 ILE A O   1 
ATOM   280 C CB  . ILE A 1 45  ? -7.750  -3.898  -2.739  1.00 58.12 ? 341 ILE A CB  1 
ATOM   281 C CG1 . ILE A 1 45  ? -7.860  -2.498  -2.129  1.00 58.89 ? 341 ILE A CG1 1 
ATOM   282 C CG2 . ILE A 1 45  ? -8.067  -4.891  -1.643  1.00 58.01 ? 341 ILE A CG2 1 
ATOM   283 C CD1 . ILE A 1 45  ? -7.530  -1.361  -3.069  1.00 59.66 ? 341 ILE A CD1 1 
ATOM   284 N N   . PHE A 1 46  ? -5.259  -6.259  -2.769  1.00 57.87 ? 342 PHE A N   1 
ATOM   285 C CA  . PHE A 1 46  ? -4.979  -7.675  -2.887  1.00 58.53 ? 342 PHE A CA  1 
ATOM   286 C C   . PHE A 1 46  ? -5.171  -8.374  -1.549  1.00 58.63 ? 342 PHE A C   1 
ATOM   287 O O   . PHE A 1 46  ? -4.568  -8.006  -0.551  1.00 57.90 ? 342 PHE A O   1 
ATOM   288 C CB  . PHE A 1 46  ? -3.551  -7.897  -3.393  1.00 58.28 ? 342 PHE A CB  1 
ATOM   289 C CG  . PHE A 1 46  ? -3.192  -9.338  -3.525  1.00 58.28 ? 342 PHE A CG  1 
ATOM   290 C CD1 . PHE A 1 46  ? -3.766  -10.111 -4.516  1.00 58.57 ? 342 PHE A CD1 1 
ATOM   291 C CD2 . PHE A 1 46  ? -2.304  -9.934  -2.645  1.00 59.03 ? 342 PHE A CD2 1 
ATOM   292 C CE1 . PHE A 1 46  ? -3.458  -11.446 -4.633  1.00 58.35 ? 342 PHE A CE1 1 
ATOM   293 C CE2 . PHE A 1 46  ? -1.987  -11.281 -2.766  1.00 57.48 ? 342 PHE A CE2 1 
ATOM   294 C CZ  . PHE A 1 46  ? -2.566  -12.029 -3.757  1.00 58.33 ? 342 PHE A CZ  1 
ATOM   295 N N   . GLU A 1 47  ? -6.008  -9.400  -1.537  1.00 59.57 ? 343 GLU A N   1 
ATOM   296 C CA  . GLU A 1 47  ? -6.300  -10.119 -0.308  1.00 60.30 ? 343 GLU A CA  1 
ATOM   297 C C   . GLU A 1 47  ? -5.621  -11.488 -0.299  1.00 60.77 ? 343 GLU A C   1 
ATOM   298 O O   . GLU A 1 47  ? -5.811  -12.298 -1.214  1.00 60.48 ? 343 GLU A O   1 
ATOM   299 C CB  . GLU A 1 47  ? -7.808  -10.268 -0.128  1.00 60.47 ? 343 GLU A CB  1 
ATOM   300 C CG  . GLU A 1 47  ? -8.209  -10.701 1.266   1.00 60.64 ? 343 GLU A CG  1 
ATOM   301 C CD  . GLU A 1 47  ? -9.698  -10.687 1.454   1.00 61.04 ? 343 GLU A CD  1 
ATOM   302 O OE1 . GLU A 1 47  ? -10.171 -9.962  2.343   1.00 62.51 ? 343 GLU A OE1 1 
ATOM   303 O OE2 . GLU A 1 47  ? -10.400 -11.390 0.698   1.00 63.11 ? 343 GLU A OE2 1 
ATOM   304 N N   . ILE A 1 48  ? -4.836  -11.726 0.752   1.00 61.40 ? 344 ILE A N   1 
ATOM   305 C CA  . ILE A 1 48  ? -4.143  -12.996 0.976   1.00 61.81 ? 344 ILE A CA  1 
ATOM   306 C C   . ILE A 1 48  ? -5.078  -13.927 1.781   1.00 62.14 ? 344 ILE A C   1 
ATOM   307 O O   . ILE A 1 48  ? -5.331  -13.677 2.963   1.00 62.10 ? 344 ILE A O   1 
ATOM   308 C CB  . ILE A 1 48  ? -2.817  -12.749 1.746   1.00 61.88 ? 344 ILE A CB  1 
ATOM   309 C CG1 . ILE A 1 48  ? -1.930  -11.767 0.966   1.00 62.41 ? 344 ILE A CG1 1 
ATOM   310 C CG2 . ILE A 1 48  ? -2.092  -14.052 2.006   1.00 61.65 ? 344 ILE A CG2 1 
ATOM   311 C CD1 . ILE A 1 48  ? -0.542  -11.526 1.575   1.00 62.21 ? 344 ILE A CD1 1 
ATOM   312 N N   . PRO A 1 49  ? -5.611  -14.996 1.144   1.00 62.63 ? 345 PRO A N   1 
ATOM   313 C CA  . PRO A 1 49  ? -6.639  -15.801 1.830   1.00 62.79 ? 345 PRO A CA  1 
ATOM   314 C C   . PRO A 1 49  ? -6.181  -16.665 3.023   1.00 63.06 ? 345 PRO A C   1 
ATOM   315 O O   . PRO A 1 49  ? -7.008  -17.387 3.577   1.00 63.35 ? 345 PRO A O   1 
ATOM   316 C CB  . PRO A 1 49  ? -7.196  -16.697 0.709   1.00 62.96 ? 345 PRO A CB  1 
ATOM   317 C CG  . PRO A 1 49  ? -6.639  -16.144 -0.573  1.00 62.99 ? 345 PRO A CG  1 
ATOM   318 C CD  . PRO A 1 49  ? -5.344  -15.511 -0.210  1.00 62.60 ? 345 PRO A CD  1 
ATOM   319 N N   . GLY A 1 50  ? -4.900  -16.600 3.407   1.00 63.26 ? 346 GLY A N   1 
ATOM   320 C CA  . GLY A 1 50  ? -4.387  -17.255 4.630   1.00 63.27 ? 346 GLY A CA  1 
ATOM   321 C C   . GLY A 1 50  ? -5.280  -17.135 5.866   1.00 63.35 ? 346 GLY A C   1 
ATOM   322 O O   . GLY A 1 50  ? -6.225  -17.905 5.999   1.00 63.61 ? 346 GLY A O   1 
ATOM   323 N N   . ALA A 1 51  ? -5.025  -16.205 6.791   1.00 63.55 ? 347 ALA A N   1 
ATOM   324 C CA  . ALA A 1 51  ? -3.934  -15.207 6.767   1.00 63.50 ? 347 ALA A CA  1 
ATOM   325 C C   . ALA A 1 51  ? -4.107  -14.319 8.012   1.00 63.37 ? 347 ALA A C   1 
ATOM   326 O O   . ALA A 1 51  ? -5.243  -14.030 8.396   1.00 63.45 ? 347 ALA A O   1 
ATOM   327 C CB  . ALA A 1 51  ? -3.986  -14.350 5.506   1.00 63.61 ? 347 ALA A CB  1 
ATOM   328 N N   . PRO A 1 52  ? -2.999  -13.890 8.656   1.00 63.16 ? 348 PRO A N   1 
ATOM   329 C CA  . PRO A 1 52  ? -3.168  -13.032 9.838   1.00 63.18 ? 348 PRO A CA  1 
ATOM   330 C C   . PRO A 1 52  ? -3.999  -11.793 9.505   1.00 63.00 ? 348 PRO A C   1 
ATOM   331 O O   . PRO A 1 52  ? -3.847  -11.237 8.416   1.00 62.67 ? 348 PRO A O   1 
ATOM   332 C CB  . PRO A 1 52  ? -1.729  -12.631 10.199  1.00 63.39 ? 348 PRO A CB  1 
ATOM   333 C CG  . PRO A 1 52  ? -0.870  -13.695 9.600   1.00 63.19 ? 348 PRO A CG  1 
ATOM   334 C CD  . PRO A 1 52  ? -1.577  -14.139 8.353   1.00 63.28 ? 348 PRO A CD  1 
ATOM   335 N N   . ASP A 1 53  ? -4.858  -11.368 10.430  1.00 62.85 ? 349 ASP A N   1 
ATOM   336 C CA  . ASP A 1 53  ? -5.804  -10.277 10.154  1.00 62.77 ? 349 ASP A CA  1 
ATOM   337 C C   . ASP A 1 53  ? -5.137  -8.940  9.810   1.00 62.36 ? 349 ASP A C   1 
ATOM   338 O O   . ASP A 1 53  ? -5.716  -8.143  9.075   1.00 62.65 ? 349 ASP A O   1 
ATOM   339 C CB  . ASP A 1 53  ? -6.782  -10.076 11.319  1.00 62.89 ? 349 ASP A CB  1 
ATOM   340 C CG  . ASP A 1 53  ? -8.009  -9.270  10.917  1.00 63.22 ? 349 ASP A CG  1 
ATOM   341 O OD1 . ASP A 1 53  ? -8.917  -9.832  10.273  1.00 64.81 ? 349 ASP A OD1 1 
ATOM   342 O OD2 . ASP A 1 53  ? -8.070  -8.072  11.250  1.00 64.70 ? 349 ASP A OD2 1 
ATOM   343 N N   . ASP A 1 54  ? -3.936  -8.697  10.333  1.00 61.89 ? 350 ASP A N   1 
ATOM   344 C CA  . ASP A 1 54  ? -3.200  -7.469  10.018  1.00 61.96 ? 350 ASP A CA  1 
ATOM   345 C C   . ASP A 1 54  ? -2.281  -7.601  8.794   1.00 62.03 ? 350 ASP A C   1 
ATOM   346 O O   . ASP A 1 54  ? -1.495  -6.695  8.498   1.00 62.27 ? 350 ASP A O   1 
ATOM   347 C CB  . ASP A 1 54  ? -2.401  -6.963  11.229  1.00 62.01 ? 350 ASP A CB  1 
ATOM   348 C CG  . ASP A 1 54  ? -1.466  -7.997  11.800  1.00 62.64 ? 350 ASP A CG  1 
ATOM   349 O OD1 . ASP A 1 54  ? -1.750  -9.199  11.661  1.00 63.20 ? 350 ASP A OD1 1 
ATOM   350 O OD2 . ASP A 1 54  ? -0.454  -7.596  12.416  1.00 64.87 ? 350 ASP A OD2 1 
ATOM   351 N N   . GLU A 1 55  ? -2.374  -8.730  8.099   1.00 61.54 ? 351 GLU A N   1 
ATOM   352 C CA  . GLU A 1 55  ? -1.642  -8.938  6.855   1.00 61.38 ? 351 GLU A CA  1 
ATOM   353 C C   . GLU A 1 55  ? -2.519  -9.453  5.711   1.00 60.41 ? 351 GLU A C   1 
ATOM   354 O O   . GLU A 1 55  ? -2.077  -9.507  4.560   1.00 60.68 ? 351 GLU A O   1 
ATOM   355 C CB  . GLU A 1 55  ? -0.453  -9.851  7.136   1.00 61.56 ? 351 GLU A CB  1 
ATOM   356 C CG  . GLU A 1 55  ? 0.718   -9.067  7.749   1.00 63.23 ? 351 GLU A CG  1 
ATOM   357 C CD  . GLU A 1 55  ? 1.668   -9.910  8.577   1.00 63.27 ? 351 GLU A CD  1 
ATOM   358 O OE1 . GLU A 1 55  ? 1.245   -10.952 9.140   1.00 66.37 ? 351 GLU A OE1 1 
ATOM   359 O OE2 . GLU A 1 55  ? 2.855   -9.507  8.664   1.00 66.64 ? 351 GLU A OE2 1 
ATOM   360 N N   . ALA A 1 56  ? -3.777  -9.759  6.015   1.00 59.34 ? 352 ALA A N   1 
ATOM   361 C CA  . ALA A 1 56  ? -4.721  -10.274 5.026   1.00 58.59 ? 352 ALA A CA  1 
ATOM   362 C C   . ALA A 1 56  ? -4.893  -9.328  3.839   1.00 57.82 ? 352 ALA A C   1 
ATOM   363 O O   . ALA A 1 56  ? -4.811  -9.771  2.689   1.00 58.43 ? 352 ALA A O   1 
ATOM   364 C CB  . ALA A 1 56  ? -6.080  -10.576 5.677   1.00 58.66 ? 352 ALA A CB  1 
ATOM   365 N N   . VAL A 1 57  ? -5.077  -8.036  4.100   1.00 56.07 ? 353 VAL A N   1 
ATOM   366 C CA  . VAL A 1 57  ? -5.344  -7.076  3.028   1.00 55.21 ? 353 VAL A CA  1 
ATOM   367 C C   . VAL A 1 57  ? -4.146  -6.159  2.726   1.00 54.41 ? 353 VAL A C   1 
ATOM   368 O O   . VAL A 1 57  ? -3.721  -5.345  3.559   1.00 54.31 ? 353 VAL A O   1 
ATOM   369 C CB  . VAL A 1 57  ? -6.628  -6.249  3.315   1.00 55.28 ? 353 VAL A CB  1 
ATOM   370 C CG1 . VAL A 1 57  ? -6.872  -5.246  2.200   1.00 54.96 ? 353 VAL A CG1 1 
ATOM   371 C CG2 . VAL A 1 57  ? -7.834  -7.192  3.460   1.00 54.67 ? 353 VAL A CG2 1 
ATOM   372 N N   . ARG A 1 58  ? -3.622  -6.306  1.509   1.00 53.16 ? 354 ARG A N   1 
ATOM   373 C CA  . ARG A 1 58  ? -2.566  -5.469  0.985   1.00 53.19 ? 354 ARG A CA  1 
ATOM   374 C C   . ARG A 1 58  ? -3.164  -4.467  0.016   1.00 52.56 ? 354 ARG A C   1 
ATOM   375 O O   . ARG A 1 58  ? -3.898  -4.836  -0.914  1.00 52.66 ? 354 ARG A O   1 
ATOM   376 C CB  . ARG A 1 58  ? -1.504  -6.307  0.263   1.00 52.65 ? 354 ARG A CB  1 
ATOM   377 C CG  . ARG A 1 58  ? -0.637  -7.092  1.200   1.00 53.18 ? 354 ARG A CG  1 
ATOM   378 C CD  . ARG A 1 58  ? 0.446   -7.890  0.475   1.00 54.35 ? 354 ARG A CD  1 
ATOM   379 N NE  . ARG A 1 58  ? 1.487   -8.241  1.429   1.00 55.15 ? 354 ARG A NE  1 
ATOM   380 C CZ  . ARG A 1 58  ? 2.732   -8.584  1.126   1.00 55.74 ? 354 ARG A CZ  1 
ATOM   381 N NH1 . ARG A 1 58  ? 3.129   -8.671  -0.139  1.00 55.13 ? 354 ARG A NH1 1 
ATOM   382 N NH2 . ARG A 1 58  ? 3.580   -8.852  2.115   1.00 57.22 ? 354 ARG A NH2 1 
ATOM   383 N N   . ILE A 1 59  ? -2.842  -3.203  0.237   1.00 51.87 ? 355 ILE A N   1 
ATOM   384 C CA  . ILE A 1 59  ? -3.282  -2.134  -0.631  1.00 52.27 ? 355 ILE A CA  1 
ATOM   385 C C   . ILE A 1 59  ? -2.052  -1.541  -1.286  1.00 52.04 ? 355 ILE A C   1 
ATOM   386 O O   . ILE A 1 59  ? -1.137  -1.085  -0.599  1.00 51.25 ? 355 ILE A O   1 
ATOM   387 C CB  . ILE A 1 59  ? -4.052  -1.041  0.142   1.00 52.02 ? 355 ILE A CB  1 
ATOM   388 C CG1 . ILE A 1 59  ? -5.225  -1.666  0.898   1.00 52.71 ? 355 ILE A CG1 1 
ATOM   389 C CG2 . ILE A 1 59  ? -4.511  0.059   -0.818  1.00 52.37 ? 355 ILE A CG2 1 
ATOM   390 C CD1 . ILE A 1 59  ? -6.052  -0.693  1.729   1.00 52.08 ? 355 ILE A CD1 1 
ATOM   391 N N   . PHE A 1 60  ? -2.037  -1.572  -2.617  1.00 52.41 ? 356 PHE A N   1 
ATOM   392 C CA  . PHE A 1 60  ? -0.951  -1.019  -3.397  1.00 52.99 ? 356 PHE A CA  1 
ATOM   393 C C   . PHE A 1 60  ? -1.378  0.259   -4.096  1.00 53.43 ? 356 PHE A C   1 
ATOM   394 O O   . PHE A 1 60  ? -2.445  0.310   -4.704  1.00 53.63 ? 356 PHE A O   1 
ATOM   395 C CB  . PHE A 1 60  ? -0.501  -2.004  -4.470  1.00 52.35 ? 356 PHE A CB  1 
ATOM   396 C CG  . PHE A 1 60  ? 0.029   -3.290  -3.936  1.00 51.98 ? 356 PHE A CG  1 
ATOM   397 C CD1 . PHE A 1 60  ? 1.396   -3.470  -3.744  1.00 51.79 ? 356 PHE A CD1 1 
ATOM   398 C CD2 . PHE A 1 60  ? -0.824  -4.337  -3.647  1.00 51.73 ? 356 PHE A CD2 1 
ATOM   399 C CE1 . PHE A 1 60  ? 1.883   -4.658  -3.263  1.00 52.17 ? 356 PHE A CE1 1 
ATOM   400 C CE2 . PHE A 1 60  ? -0.327  -5.533  -3.172  1.00 51.74 ? 356 PHE A CE2 1 
ATOM   401 C CZ  . PHE A 1 60  ? 1.027   -5.682  -2.970  1.00 51.51 ? 356 PHE A CZ  1 
ATOM   402 N N   . LEU A 1 61  ? -0.530  1.277   -4.018  1.00 53.92 ? 357 LEU A N   1 
ATOM   403 C CA  . LEU A 1 61  ? -0.716  2.504   -4.775  1.00 54.61 ? 357 LEU A CA  1 
ATOM   404 C C   . LEU A 1 61  ? 0.510   2.778   -5.632  1.00 54.88 ? 357 LEU A C   1 
ATOM   405 O O   . LEU A 1 61  ? 1.608   2.925   -5.103  1.00 55.21 ? 357 LEU A O   1 
ATOM   406 C CB  . LEU A 1 61  ? -0.950  3.661   -3.810  1.00 54.96 ? 357 LEU A CB  1 
ATOM   407 C CG  . LEU A 1 61  ? -2.286  3.464   -3.088  1.00 55.48 ? 357 LEU A CG  1 
ATOM   408 C CD1 . LEU A 1 61  ? -2.070  3.475   -1.608  1.00 56.14 ? 357 LEU A CD1 1 
ATOM   409 C CD2 . LEU A 1 61  ? -3.347  4.471   -3.555  1.00 55.11 ? 357 LEU A CD2 1 
ATOM   410 N N   . GLU A 1 62  ? 0.319   2.834   -6.946  1.00 55.63 ? 358 GLU A N   1 
ATOM   411 C CA  . GLU A 1 62  ? 1.395   3.220   -7.854  1.00 55.73 ? 358 GLU A CA  1 
ATOM   412 C C   . GLU A 1 62  ? 1.264   4.702   -8.152  1.00 55.24 ? 358 GLU A C   1 
ATOM   413 O O   . GLU A 1 62  ? 0.321   5.121   -8.803  1.00 55.21 ? 358 GLU A O   1 
ATOM   414 C CB  . GLU A 1 62  ? 1.346   2.421   -9.150  1.00 56.10 ? 358 GLU A CB  1 
ATOM   415 C CG  . GLU A 1 62  ? 2.627   2.574   -9.985  1.00 57.17 ? 358 GLU A CG  1 
ATOM   416 C CD  . GLU A 1 62  ? 2.459   2.227   -11.452 1.00 57.97 ? 358 GLU A CD  1 
ATOM   417 O OE1 . GLU A 1 62  ? 1.448   1.601   -11.862 1.00 63.21 ? 358 GLU A OE1 1 
ATOM   418 O OE2 . GLU A 1 62  ? 3.360   2.603   -12.227 1.00 63.43 ? 358 GLU A OE2 1 
ATOM   419 N N   . PHE A 1 63  ? 2.200   5.494   -7.650  1.00 54.72 ? 359 PHE A N   1 
ATOM   420 C CA  . PHE A 1 63  ? 2.217   6.918   -7.927  1.00 54.78 ? 359 PHE A CA  1 
ATOM   421 C C   . PHE A 1 63  ? 2.914   7.183   -9.259  1.00 54.82 ? 359 PHE A C   1 
ATOM   422 O O   . PHE A 1 63  ? 3.690   6.358   -9.742  1.00 54.82 ? 359 PHE A O   1 
ATOM   423 C CB  . PHE A 1 63  ? 2.906   7.678   -6.790  1.00 54.47 ? 359 PHE A CB  1 
ATOM   424 C CG  . PHE A 1 63  ? 2.106   7.717   -5.522  1.00 54.20 ? 359 PHE A CG  1 
ATOM   425 C CD1 . PHE A 1 63  ? 2.191   6.687   -4.601  1.00 53.59 ? 359 PHE A CD1 1 
ATOM   426 C CD2 . PHE A 1 63  ? 1.258   8.776   -5.259  1.00 53.88 ? 359 PHE A CD2 1 
ATOM   427 C CE1 . PHE A 1 63  ? 1.451   6.719   -3.433  1.00 54.51 ? 359 PHE A CE1 1 
ATOM   428 C CE2 . PHE A 1 63  ? 0.512   8.815   -4.095  1.00 53.82 ? 359 PHE A CE2 1 
ATOM   429 C CZ  . PHE A 1 63  ? 0.609   7.785   -3.181  1.00 53.83 ? 359 PHE A CZ  1 
ATOM   430 N N   . GLU A 1 64  ? 2.636   8.339   -9.848  1.00 54.74 ? 360 GLU A N   1 
ATOM   431 C CA  . GLU A 1 64  ? 3.276   8.729   -11.101 1.00 54.94 ? 360 GLU A CA  1 
ATOM   432 C C   . GLU A 1 64  ? 4.716   9.202   -10.878 1.00 54.70 ? 360 GLU A C   1 
ATOM   433 O O   . GLU A 1 64  ? 5.549   9.117   -11.786 1.00 54.64 ? 360 GLU A O   1 
ATOM   434 C CB  . GLU A 1 64  ? 2.454   9.815   -11.809 1.00 55.34 ? 360 GLU A CB  1 
ATOM   435 C CG  . GLU A 1 64  ? 1.075   9.357   -12.281 1.00 57.05 ? 360 GLU A CG  1 
ATOM   436 C CD  . GLU A 1 64  ? 1.113   8.585   -13.602 1.00 59.68 ? 360 GLU A CD  1 
ATOM   437 O OE1 . GLU A 1 64  ? 0.660   9.127   -14.632 1.00 60.89 ? 360 GLU A OE1 1 
ATOM   438 O OE2 . GLU A 1 64  ? 1.596   7.431   -13.612 1.00 62.81 ? 360 GLU A OE2 1 
ATOM   439 N N   . ARG A 1 65  ? 5.004   9.703   -9.675  1.00 54.62 ? 361 ARG A N   1 
ATOM   440 C CA  . ARG A 1 65  ? 6.357   10.114  -9.304  1.00 54.53 ? 361 ARG A CA  1 
ATOM   441 C C   . ARG A 1 65  ? 6.777   9.476   -7.985  1.00 54.39 ? 361 ARG A C   1 
ATOM   442 O O   . ARG A 1 65  ? 5.948   9.240   -7.103  1.00 54.19 ? 361 ARG A O   1 
ATOM   443 C CB  . ARG A 1 65  ? 6.446   11.637  -9.209  1.00 54.82 ? 361 ARG A CB  1 
ATOM   444 N N   . VAL A 1 66  ? 8.072   9.202   -7.861  1.00 54.17 ? 362 VAL A N   1 
ATOM   445 C CA  . VAL A 1 66  ? 8.621   8.614   -6.645  1.00 54.41 ? 362 VAL A CA  1 
ATOM   446 C C   . VAL A 1 66  ? 8.483   9.557   -5.440  1.00 54.34 ? 362 VAL A C   1 
ATOM   447 O O   . VAL A 1 66  ? 8.241   9.094   -4.332  1.00 54.64 ? 362 VAL A O   1 
ATOM   448 C CB  . VAL A 1 66  ? 10.093  8.153   -6.839  1.00 54.30 ? 362 VAL A CB  1 
ATOM   449 C CG1 . VAL A 1 66  ? 11.003  9.334   -7.095  1.00 54.28 ? 362 VAL A CG1 1 
ATOM   450 C CG2 . VAL A 1 66  ? 10.566  7.346   -5.626  1.00 54.01 ? 362 VAL A CG2 1 
ATOM   451 N N   . GLU A 1 67  ? 8.602   10.865  -5.670  1.00 54.28 ? 363 GLU A N   1 
ATOM   452 C CA  . GLU A 1 67  ? 8.421   11.891  -4.618  1.00 54.42 ? 363 GLU A CA  1 
ATOM   453 C C   . GLU A 1 67  ? 7.104   11.712  -3.855  1.00 54.03 ? 363 GLU A C   1 
ATOM   454 O O   . GLU A 1 67  ? 7.057   11.858  -2.630  1.00 53.81 ? 363 GLU A O   1 
ATOM   455 C CB  . GLU A 1 67  ? 8.486   13.312  -5.234  1.00 54.59 ? 363 GLU A CB  1 
ATOM   456 C CG  . GLU A 1 67  ? 8.054   14.467  -4.306  1.00 55.20 ? 363 GLU A CG  1 
ATOM   457 C CD  . GLU A 1 67  ? 8.099   15.839  -4.976  1.00 56.29 ? 363 GLU A CD  1 
ATOM   458 O OE1 . GLU A 1 67  ? 7.705   15.938  -6.165  1.00 58.53 ? 363 GLU A OE1 1 
ATOM   459 O OE2 . GLU A 1 67  ? 8.514   16.825  -4.311  1.00 59.92 ? 363 GLU A OE2 1 
ATOM   460 N N   . SER A 1 68  ? 6.041   11.411  -4.595  1.00 53.71 ? 364 SER A N   1 
ATOM   461 C CA  . SER A 1 68  ? 4.708   11.232  -4.017  1.00 53.61 ? 364 SER A CA  1 
ATOM   462 C C   . SER A 1 68  ? 4.653   9.980   -3.154  1.00 53.40 ? 364 SER A C   1 
ATOM   463 O O   . SER A 1 68  ? 4.087   9.998   -2.064  1.00 53.31 ? 364 SER A O   1 
ATOM   464 C CB  . SER A 1 68  ? 3.658   11.161  -5.128  1.00 53.18 ? 364 SER A CB  1 
ATOM   465 O OG  . SER A 1 68  ? 3.812   12.248  -6.006  1.00 52.71 ? 364 SER A OG  1 
ATOM   466 N N   . ALA A 1 69  ? 5.269   8.907   -3.645  1.00 53.46 ? 365 ALA A N   1 
ATOM   467 C CA  . ALA A 1 69  ? 5.341   7.637   -2.928  1.00 53.60 ? 365 ALA A CA  1 
ATOM   468 C C   . ALA A 1 69  ? 6.098   7.787   -1.611  1.00 53.51 ? 365 ALA A C   1 
ATOM   469 O O   . ALA A 1 69  ? 5.652   7.312   -0.561  1.00 54.56 ? 365 ALA A O   1 
ATOM   470 C CB  . ALA A 1 69  ? 6.003   6.559   -3.816  1.00 53.08 ? 365 ALA A CB  1 
ATOM   471 N N   . ILE A 1 70  ? 7.235   8.469   -1.662  1.00 53.19 ? 366 ILE A N   1 
ATOM   472 C CA  . ILE A 1 70  ? 8.038   8.708   -0.468  1.00 53.06 ? 366 ILE A CA  1 
ATOM   473 C C   . ILE A 1 70  ? 7.232   9.472   0.592   1.00 53.07 ? 366 ILE A C   1 
ATOM   474 O O   . ILE A 1 70  ? 7.202   9.076   1.753   1.00 52.91 ? 366 ILE A O   1 
ATOM   475 C CB  . ILE A 1 70  ? 9.323   9.497   -0.795  1.00 53.23 ? 366 ILE A CB  1 
ATOM   476 C CG1 . ILE A 1 70  ? 10.231  8.705   -1.751  1.00 52.67 ? 366 ILE A CG1 1 
ATOM   477 C CG2 . ILE A 1 70  ? 10.073  9.872   0.495   1.00 52.65 ? 366 ILE A CG2 1 
ATOM   478 C CD1 . ILE A 1 70  ? 11.136  9.611   -2.614  1.00 52.85 ? 366 ILE A CD1 1 
ATOM   479 N N   . LYS A 1 71  ? 6.580   10.551  0.170   1.00 52.63 ? 367 LYS A N   1 
ATOM   480 C CA  . LYS A 1 71  ? 5.723   11.351  1.045   1.00 53.09 ? 367 LYS A CA  1 
ATOM   481 C C   . LYS A 1 71  ? 4.632   10.524  1.691   1.00 52.66 ? 367 LYS A C   1 
ATOM   482 O O   . LYS A 1 71  ? 4.329   10.720  2.853   1.00 52.65 ? 367 LYS A O   1 
ATOM   483 C CB  . LYS A 1 71  ? 5.069   12.515  0.269   1.00 52.96 ? 367 LYS A CB  1 
ATOM   484 C CG  . LYS A 1 71  ? 5.983   13.674  -0.068  1.00 53.36 ? 367 LYS A CG  1 
ATOM   485 C CD  . LYS A 1 71  ? 5.236   14.727  -0.904  1.00 53.36 ? 367 LYS A CD  1 
ATOM   486 C CE  . LYS A 1 71  ? 6.151   15.834  -1.356  1.00 53.89 ? 367 LYS A CE  1 
ATOM   487 N NZ  . LYS A 1 71  ? 5.439   16.941  -2.098  1.00 55.00 ? 367 LYS A NZ  1 
ATOM   488 N N   . ALA A 1 72  ? 4.012   9.644   0.906   1.00 53.15 ? 368 ALA A N   1 
ATOM   489 C CA  . ALA A 1 72  ? 2.949   8.782   1.400   1.00 53.66 ? 368 ALA A CA  1 
ATOM   490 C C   . ALA A 1 72  ? 3.458   7.808   2.468   1.00 53.80 ? 368 ALA A C   1 
ATOM   491 O O   . ALA A 1 72  ? 2.811   7.655   3.496   1.00 53.82 ? 368 ALA A O   1 
ATOM   492 C CB  . ALA A 1 72  ? 2.280   8.013   0.240   1.00 53.40 ? 368 ALA A CB  1 
ATOM   493 N N   . VAL A 1 73  ? 4.605   7.168   2.223   1.00 53.86 ? 369 VAL A N   1 
ATOM   494 C CA  . VAL A 1 73  ? 5.221   6.229   3.201   1.00 54.12 ? 369 VAL A CA  1 
ATOM   495 C C   . VAL A 1 73  ? 5.565   6.935   4.506   1.00 53.64 ? 369 VAL A C   1 
ATOM   496 O O   . VAL A 1 73  ? 5.190   6.475   5.585   1.00 54.39 ? 369 VAL A O   1 
ATOM   497 C CB  . VAL A 1 73  ? 6.484   5.477   2.629   1.00 53.67 ? 369 VAL A CB  1 
ATOM   498 C CG1 . VAL A 1 73  ? 7.209   4.655   3.718   1.00 56.22 ? 369 VAL A CG1 1 
ATOM   499 C CG2 . VAL A 1 73  ? 6.103   4.597   1.476   1.00 54.04 ? 369 VAL A CG2 1 
ATOM   500 N N   . VAL A 1 74  ? 6.264   8.058   4.411   1.00 53.57 ? 370 VAL A N   1 
ATOM   501 C CA  . VAL A 1 74  ? 6.597   8.849   5.581   1.00 53.39 ? 370 VAL A CA  1 
ATOM   502 C C   . VAL A 1 74  ? 5.321   9.286   6.335   1.00 53.27 ? 370 VAL A C   1 
ATOM   503 O O   . VAL A 1 74  ? 5.286   9.212   7.548   1.00 52.24 ? 370 VAL A O   1 
ATOM   504 C CB  . VAL A 1 74  ? 7.499   10.096  5.199   1.00 53.52 ? 370 VAL A CB  1 
ATOM   505 C CG1 . VAL A 1 74  ? 7.798   10.940  6.409   1.00 51.97 ? 370 VAL A CG1 1 
ATOM   506 C CG2 . VAL A 1 74  ? 8.818   9.636   4.531   1.00 52.78 ? 370 VAL A CG2 1 
ATOM   507 N N   . ASP A 1 75  ? 4.274   9.704   5.614   1.00 53.35 ? 371 ASP A N   1 
ATOM   508 C CA  . ASP A 1 75  ? 3.061   10.229  6.261   1.00 54.12 ? 371 ASP A CA  1 
ATOM   509 C C   . ASP A 1 75  ? 2.158   9.138   6.873   1.00 54.33 ? 371 ASP A C   1 
ATOM   510 O O   . ASP A 1 75  ? 1.500   9.381   7.891   1.00 54.50 ? 371 ASP A O   1 
ATOM   511 C CB  . ASP A 1 75  ? 2.240   11.091  5.289   1.00 53.77 ? 371 ASP A CB  1 
ATOM   512 C CG  . ASP A 1 75  ? 1.182   11.935  6.005   1.00 53.71 ? 371 ASP A CG  1 
ATOM   513 O OD1 . ASP A 1 75  ? 1.531   12.735  6.885   1.00 52.77 ? 371 ASP A OD1 1 
ATOM   514 O OD2 . ASP A 1 75  ? -0.012  11.786  5.687   1.00 54.80 ? 371 ASP A OD2 1 
ATOM   515 N N   . LEU A 1 76  ? 2.133   7.956   6.268   1.00 54.92 ? 372 LEU A N   1 
ATOM   516 C CA  . LEU A 1 76  ? 1.198   6.893   6.676   1.00 55.41 ? 372 LEU A CA  1 
ATOM   517 C C   . LEU A 1 76  ? 1.792   5.780   7.548   1.00 56.35 ? 372 LEU A C   1 
ATOM   518 O O   . LEU A 1 76  ? 1.039   5.125   8.284   1.00 56.43 ? 372 LEU A O   1 
ATOM   519 C CB  . LEU A 1 76  ? 0.522   6.263   5.454   1.00 55.17 ? 372 LEU A CB  1 
ATOM   520 C CG  . LEU A 1 76  ? -0.368  7.151   4.595   1.00 54.83 ? 372 LEU A CG  1 
ATOM   521 C CD1 . LEU A 1 76  ? -0.802  6.402   3.359   1.00 54.40 ? 372 LEU A CD1 1 
ATOM   522 C CD2 . LEU A 1 76  ? -1.581  7.720   5.371   1.00 55.39 ? 372 LEU A CD2 1 
ATOM   523 N N   . ASN A 1 77  ? 3.104   5.543   7.458   1.00 56.12 ? 373 ASN A N   1 
ATOM   524 C CA  . ASN A 1 77  ? 3.722   4.521   8.286   1.00 56.54 ? 373 ASN A CA  1 
ATOM   525 C C   . ASN A 1 77  ? 3.549   4.881   9.768   1.00 56.86 ? 373 ASN A C   1 
ATOM   526 O O   . ASN A 1 77  ? 3.924   5.962   10.212  1.00 57.12 ? 373 ASN A O   1 
ATOM   527 C CB  . ASN A 1 77  ? 5.195   4.286   7.909   1.00 56.19 ? 373 ASN A CB  1 
ATOM   528 C CG  . ASN A 1 77  ? 5.787   3.040   8.578   1.00 56.24 ? 373 ASN A CG  1 
ATOM   529 O OD1 . ASN A 1 77  ? 5.200   1.955   8.552   1.00 53.70 ? 373 ASN A OD1 1 
ATOM   530 N ND2 . ASN A 1 77  ? 6.956   3.199   9.181   1.00 55.76 ? 373 ASN A ND2 1 
ATOM   531 N N   . GLY A 1 78  ? 2.927   3.969   10.511  1.00 57.47 ? 374 GLY A N   1 
ATOM   532 C CA  . GLY A 1 78  ? 2.691   4.137   11.939  1.00 57.41 ? 374 GLY A CA  1 
ATOM   533 C C   . GLY A 1 78  ? 1.402   4.864   12.261  1.00 57.78 ? 374 GLY A C   1 
ATOM   534 O O   . GLY A 1 78  ? 1.101   5.105   13.435  1.00 57.55 ? 374 GLY A O   1 
ATOM   535 N N   . ARG A 1 79  ? 0.629   5.211   11.237  1.00 58.38 ? 375 ARG A N   1 
ATOM   536 C CA  . ARG A 1 79  ? -0.563  6.033   11.432  1.00 58.61 ? 375 ARG A CA  1 
ATOM   537 C C   . ARG A 1 79  ? -1.721  5.223   11.997  1.00 58.50 ? 375 ARG A C   1 
ATOM   538 O O   . ARG A 1 79  ? -1.923  4.070   11.624  1.00 57.00 ? 375 ARG A O   1 
ATOM   539 C CB  . ARG A 1 79  ? -0.991  6.657   10.114  1.00 59.21 ? 375 ARG A CB  1 
ATOM   540 C CG  . ARG A 1 79  ? -2.337  7.318   10.166  1.00 60.94 ? 375 ARG A CG  1 
ATOM   541 C CD  . ARG A 1 79  ? -2.352  8.524   9.304   1.00 65.45 ? 375 ARG A CD  1 
ATOM   542 N NE  . ARG A 1 79  ? -1.507  9.553   9.882   1.00 66.30 ? 375 ARG A NE  1 
ATOM   543 C CZ  . ARG A 1 79  ? -1.059  10.605  9.213   1.00 68.06 ? 375 ARG A CZ  1 
ATOM   544 N NH1 . ARG A 1 79  ? -1.370  10.762  7.927   1.00 68.73 ? 375 ARG A NH1 1 
ATOM   545 N NH2 . ARG A 1 79  ? -0.290  11.501  9.826   1.00 67.88 ? 375 ARG A NH2 1 
ATOM   546 N N   . TYR A 1 80  ? -2.484  5.855   12.886  1.00 58.48 ? 376 TYR A N   1 
ATOM   547 C CA  . TYR A 1 80  ? -3.657  5.240   13.497  1.00 58.98 ? 376 TYR A CA  1 
ATOM   548 C C   . TYR A 1 80  ? -4.872  5.470   12.607  1.00 59.28 ? 376 TYR A C   1 
ATOM   549 O O   . TYR A 1 80  ? -5.287  6.611   12.387  1.00 59.97 ? 376 TYR A O   1 
ATOM   550 C CB  . TYR A 1 80  ? -3.879  5.851   14.874  1.00 59.11 ? 376 TYR A CB  1 
ATOM   551 C CG  . TYR A 1 80  ? -4.990  5.268   15.716  1.00 59.12 ? 376 TYR A CG  1 
ATOM   552 C CD1 . TYR A 1 80  ? -6.273  5.819   15.685  1.00 60.05 ? 376 TYR A CD1 1 
ATOM   553 C CD2 . TYR A 1 80  ? -4.748  4.228   16.608  1.00 59.00 ? 376 TYR A CD2 1 
ATOM   554 C CE1 . TYR A 1 80  ? -7.297  5.319   16.479  1.00 59.71 ? 376 TYR A CE1 1 
ATOM   555 C CE2 . TYR A 1 80  ? -5.773  3.723   17.421  1.00 59.75 ? 376 TYR A CE2 1 
ATOM   556 C CZ  . TYR A 1 80  ? -7.048  4.275   17.353  1.00 59.69 ? 376 TYR A CZ  1 
ATOM   557 O OH  . TYR A 1 80  ? -8.080  3.796   18.154  1.00 60.44 ? 376 TYR A OH  1 
ATOM   558 N N   . PHE A 1 81  ? -5.446  4.376   12.124  1.00 59.50 ? 377 PHE A N   1 
ATOM   559 C CA  . PHE A 1 81  ? -6.548  4.397   11.177  1.00 59.00 ? 377 PHE A CA  1 
ATOM   560 C C   . PHE A 1 81  ? -7.624  3.415   11.663  1.00 58.50 ? 377 PHE A C   1 
ATOM   561 O O   . PHE A 1 81  ? -7.479  2.200   11.505  1.00 58.31 ? 377 PHE A O   1 
ATOM   562 C CB  . PHE A 1 81  ? -6.017  4.010   9.788   1.00 61.08 ? 377 PHE A CB  1 
ATOM   563 C CG  . PHE A 1 81  ? -7.080  3.910   8.727   1.00 61.36 ? 377 PHE A CG  1 
ATOM   564 C CD1 . PHE A 1 81  ? -7.555  5.054   8.091   1.00 64.36 ? 377 PHE A CD1 1 
ATOM   565 C CD2 . PHE A 1 81  ? -7.609  2.677   8.367   1.00 63.43 ? 377 PHE A CD2 1 
ATOM   566 C CE1 . PHE A 1 81  ? -8.547  4.965   7.107   1.00 64.08 ? 377 PHE A CE1 1 
ATOM   567 C CE2 . PHE A 1 81  ? -8.598  2.577   7.383   1.00 63.59 ? 377 PHE A CE2 1 
ATOM   568 C CZ  . PHE A 1 81  ? -9.064  3.721   6.752   1.00 63.91 ? 377 PHE A CZ  1 
ATOM   569 N N   . GLY A 1 82  ? -8.681  3.954   12.274  1.00 57.35 ? 378 GLY A N   1 
ATOM   570 C CA  . GLY A 1 82  ? -9.821  3.173   12.765  1.00 56.60 ? 378 GLY A CA  1 
ATOM   571 C C   . GLY A 1 82  ? -9.456  2.075   13.745  1.00 55.69 ? 378 GLY A C   1 
ATOM   572 O O   . GLY A 1 82  ? -9.892  0.926   13.596  1.00 55.94 ? 378 GLY A O   1 
ATOM   573 N N   . GLY A 1 83  ? -8.628  2.417   14.726  1.00 54.24 ? 379 GLY A N   1 
ATOM   574 C CA  . GLY A 1 83  ? -8.161  1.444   15.709  1.00 53.74 ? 379 GLY A CA  1 
ATOM   575 C C   . GLY A 1 83  ? -6.948  0.619   15.291  1.00 52.27 ? 379 GLY A C   1 
ATOM   576 O O   . GLY A 1 83  ? -6.410  -0.119  16.099  1.00 50.79 ? 379 GLY A O   1 
ATOM   577 N N   . ARG A 1 84  ? -6.512  0.755   14.041  1.00 52.21 ? 380 ARG A N   1 
ATOM   578 C CA  . ARG A 1 84  ? -5.404  -0.045  13.505  1.00 52.55 ? 380 ARG A CA  1 
ATOM   579 C C   . ARG A 1 84  ? -4.169  0.801   13.276  1.00 52.25 ? 380 ARG A C   1 
ATOM   580 O O   . ARG A 1 84  ? -4.282  1.970   12.921  1.00 52.88 ? 380 ARG A O   1 
ATOM   581 C CB  . ARG A 1 84  ? -5.804  -0.691  12.176  1.00 52.08 ? 380 ARG A CB  1 
ATOM   582 C CG  . ARG A 1 84  ? -7.136  -1.406  12.226  1.00 53.68 ? 380 ARG A CG  1 
ATOM   583 C CD  . ARG A 1 84  ? -7.566  -1.876  10.856  1.00 54.13 ? 380 ARG A CD  1 
ATOM   584 N NE  . ARG A 1 84  ? -6.976  -3.156  10.508  1.00 55.30 ? 380 ARG A NE  1 
ATOM   585 C CZ  . ARG A 1 84  ? -7.541  -4.350  10.676  1.00 55.89 ? 380 ARG A CZ  1 
ATOM   586 N NH1 . ARG A 1 84  ? -8.750  -4.485  11.199  1.00 56.64 ? 380 ARG A NH1 1 
ATOM   587 N NH2 . ARG A 1 84  ? -6.883  -5.434  10.296  1.00 56.62 ? 380 ARG A NH2 1 
ATOM   588 N N   . VAL A 1 85  ? -2.992  0.201   13.439  1.00 51.85 ? 381 VAL A N   1 
ATOM   589 C CA  . VAL A 1 85  ? -1.733  0.873   13.101  1.00 51.69 ? 381 VAL A CA  1 
ATOM   590 C C   . VAL A 1 85  ? -1.271  0.440   11.719  1.00 51.49 ? 381 VAL A C   1 
ATOM   591 O O   . VAL A 1 85  ? -0.929  -0.724  11.505  1.00 51.15 ? 381 VAL A O   1 
ATOM   592 C CB  . VAL A 1 85  ? -0.619  0.577   14.122  1.00 51.67 ? 381 VAL A CB  1 
ATOM   593 C CG1 . VAL A 1 85  ? 0.625   1.408   13.793  1.00 50.44 ? 381 VAL A CG1 1 
ATOM   594 C CG2 . VAL A 1 85  ? -1.124  0.836   15.549  1.00 50.44 ? 381 VAL A CG2 1 
ATOM   595 N N   . VAL A 1 86  ? -1.272  1.390   10.788  1.00 51.33 ? 382 VAL A N   1 
ATOM   596 C CA  . VAL A 1 86  ? -0.915  1.128   9.405   1.00 52.51 ? 382 VAL A CA  1 
ATOM   597 C C   . VAL A 1 86  ? 0.601   0.938   9.291   1.00 52.40 ? 382 VAL A C   1 
ATOM   598 O O   . VAL A 1 86  ? 1.377   1.620   9.971   1.00 52.30 ? 382 VAL A O   1 
ATOM   599 C CB  . VAL A 1 86  ? -1.365  2.301   8.492   1.00 52.63 ? 382 VAL A CB  1 
ATOM   600 C CG1 . VAL A 1 86  ? -0.814  2.147   7.072   1.00 52.45 ? 382 VAL A CG1 1 
ATOM   601 C CG2 . VAL A 1 86  ? -2.910  2.417   8.506   1.00 52.71 ? 382 VAL A CG2 1 
ATOM   602 N N   . LYS A 1 87  ? 0.989   -0.023  8.466   1.00 52.78 ? 383 LYS A N   1 
ATOM   603 C CA  . LYS A 1 87  ? 2.373   -0.241  8.059   1.00 53.81 ? 383 LYS A CA  1 
ATOM   604 C C   . LYS A 1 87  ? 2.469   0.157   6.606   1.00 54.04 ? 383 LYS A C   1 
ATOM   605 O O   . LYS A 1 87  ? 1.780   -0.407  5.776   1.00 54.79 ? 383 LYS A O   1 
ATOM   606 C CB  . LYS A 1 87  ? 2.746   -1.716  8.188   1.00 53.42 ? 383 LYS A CB  1 
ATOM   607 C CG  . LYS A 1 87  ? 2.762   -2.267  9.590   1.00 55.29 ? 383 LYS A CG  1 
ATOM   608 C CD  . LYS A 1 87  ? 3.169   -3.767  9.551   1.00 55.94 ? 383 LYS A CD  1 
ATOM   609 C CE  . LYS A 1 87  ? 3.679   -4.283  10.884  1.00 57.01 ? 383 LYS A CE  1 
ATOM   610 N NZ  . LYS A 1 87  ? 4.209   -5.692  10.749  1.00 58.43 ? 383 LYS A NZ  1 
ATOM   611 N N   . ALA A 1 88  ? 3.318   1.134   6.303   1.00 54.31 ? 384 ALA A N   1 
ATOM   612 C CA  . ALA A 1 88  ? 3.522   1.606   4.946   1.00 53.92 ? 384 ALA A CA  1 
ATOM   613 C C   . ALA A 1 88  ? 4.958   1.383   4.544   1.00 53.91 ? 384 ALA A C   1 
ATOM   614 O O   . ALA A 1 88  ? 5.871   1.626   5.329   1.00 53.92 ? 384 ALA A O   1 
ATOM   615 C CB  . ALA A 1 88  ? 3.174   3.070   4.830   1.00 53.34 ? 384 ALA A CB  1 
ATOM   616 N N   . CYS A 1 89  ? 5.147   0.885   3.328   1.00 53.99 ? 385 CYS A N   1 
ATOM   617 C CA  . CYS A 1 89  ? 6.481   0.683   2.789   1.00 54.28 ? 385 CYS A CA  1 
ATOM   618 C C   . CYS A 1 89  ? 6.436   0.759   1.278   1.00 54.08 ? 385 CYS A C   1 
ATOM   619 O O   . CYS A 1 89  ? 5.379   1.018   0.687   1.00 54.30 ? 385 CYS A O   1 
ATOM   620 C CB  . CYS A 1 89  ? 7.077   -0.647  3.284   1.00 55.04 ? 385 CYS A CB  1 
ATOM   621 S SG  . CYS A 1 89  ? 6.342   -2.169  2.642   1.00 56.33 ? 385 CYS A SG  1 
ATOM   622 N N   . PHE A 1 90  ? 7.599   0.570   0.663   1.00 54.64 ? 386 PHE A N   1 
ATOM   623 C CA  . PHE A 1 90  ? 7.731   0.492   -0.781  1.00 54.49 ? 386 PHE A CA  1 
ATOM   624 C C   . PHE A 1 90  ? 7.633   -0.975  -1.256  1.00 54.68 ? 386 PHE A C   1 
ATOM   625 O O   . PHE A 1 90  ? 7.783   -1.934  -0.475  1.00 54.27 ? 386 PHE A O   1 
ATOM   626 C CB  . PHE A 1 90  ? 9.075   1.093   -1.220  1.00 54.46 ? 386 PHE A CB  1 
ATOM   627 C CG  . PHE A 1 90  ? 9.279   2.522   -0.780  1.00 54.93 ? 386 PHE A CG  1 
ATOM   628 C CD1 . PHE A 1 90  ? 8.618   3.555   -1.422  1.00 53.57 ? 386 PHE A CD1 1 
ATOM   629 C CD2 . PHE A 1 90  ? 10.161  2.830   0.264   1.00 54.10 ? 386 PHE A CD2 1 
ATOM   630 C CE1 . PHE A 1 90  ? 8.805   4.865   -1.029  1.00 54.92 ? 386 PHE A CE1 1 
ATOM   631 C CE2 . PHE A 1 90  ? 10.357  4.141   0.656   1.00 54.49 ? 386 PHE A CE2 1 
ATOM   632 C CZ  . PHE A 1 90  ? 9.672   5.165   0.004   1.00 54.55 ? 386 PHE A CZ  1 
ATOM   633 N N   . TYR A 1 91  ? 7.365   -1.128  -2.547  1.00 54.31 ? 387 TYR A N   1 
ATOM   634 C CA  . TYR A 1 91  ? 7.278   -2.431  -3.174  1.00 54.02 ? 387 TYR A CA  1 
ATOM   635 C C   . TYR A 1 91  ? 8.026   -2.387  -4.502  1.00 53.76 ? 387 TYR A C   1 
ATOM   636 O O   . TYR A 1 91  ? 8.049   -1.358  -5.187  1.00 53.24 ? 387 TYR A O   1 
ATOM   637 C CB  . TYR A 1 91  ? 5.815   -2.808  -3.392  1.00 53.33 ? 387 TYR A CB  1 
ATOM   638 C CG  . TYR A 1 91  ? 5.563   -4.285  -3.483  1.00 53.50 ? 387 TYR A CG  1 
ATOM   639 C CD1 . TYR A 1 91  ? 5.483   -5.067  -2.331  1.00 53.88 ? 387 TYR A CD1 1 
ATOM   640 C CD2 . TYR A 1 91  ? 5.377   -4.911  -4.721  1.00 51.53 ? 387 TYR A CD2 1 
ATOM   641 C CE1 . TYR A 1 91  ? 5.243   -6.432  -2.414  1.00 53.07 ? 387 TYR A CE1 1 
ATOM   642 C CE2 . TYR A 1 91  ? 5.133   -6.255  -4.805  1.00 51.53 ? 387 TYR A CE2 1 
ATOM   643 C CZ  . TYR A 1 91  ? 5.062   -7.012  -3.654  1.00 51.58 ? 387 TYR A CZ  1 
ATOM   644 O OH  . TYR A 1 91  ? 4.810   -8.355  -3.754  1.00 53.49 ? 387 TYR A OH  1 
ATOM   645 N N   . ASN A 1 92  ? 8.644   -3.512  -4.839  1.00 53.60 ? 388 ASN A N   1 
ATOM   646 C CA  . ASN A 1 92  ? 9.400   -3.652  -6.062  1.00 54.06 ? 388 ASN A CA  1 
ATOM   647 C C   . ASN A 1 92  ? 8.504   -3.398  -7.297  1.00 54.83 ? 388 ASN A C   1 
ATOM   648 O O   . ASN A 1 92  ? 7.440   -4.015  -7.460  1.00 53.84 ? 388 ASN A O   1 
ATOM   649 C CB  . ASN A 1 92  ? 10.026  -5.053  -6.104  1.00 53.65 ? 388 ASN A CB  1 
ATOM   650 C CG  . ASN A 1 92  ? 10.940  -5.241  -7.280  1.00 52.29 ? 388 ASN A CG  1 
ATOM   651 O OD1 . ASN A 1 92  ? 10.555  -5.834  -8.269  1.00 48.36 ? 388 ASN A OD1 1 
ATOM   652 N ND2 . ASN A 1 92  ? 12.144  -4.693  -7.195  1.00 48.09 ? 388 ASN A ND2 1 
ATOM   653 N N   . LEU A 1 93  ? 8.946   -2.480  -8.154  1.00 56.08 ? 389 LEU A N   1 
ATOM   654 C CA  . LEU A 1 93  ? 8.159   -2.050  -9.304  1.00 56.40 ? 389 LEU A CA  1 
ATOM   655 C C   . LEU A 1 93  ? 7.945   -3.208  -10.272 1.00 57.06 ? 389 LEU A C   1 
ATOM   656 O O   . LEU A 1 93  ? 6.848   -3.379  -10.796 1.00 57.74 ? 389 LEU A O   1 
ATOM   657 C CB  . LEU A 1 93  ? 8.848   -0.886  -10.027 1.00 56.89 ? 389 LEU A CB  1 
ATOM   658 C CG  . LEU A 1 93  ? 8.009   0.118   -10.835 1.00 57.21 ? 389 LEU A CG  1 
ATOM   659 C CD1 . LEU A 1 93  ? 8.770   0.529   -12.085 1.00 57.74 ? 389 LEU A CD1 1 
ATOM   660 C CD2 . LEU A 1 93  ? 6.625   -0.403  -11.216 1.00 59.57 ? 389 LEU A CD2 1 
ATOM   661 N N   . ASP A 1 94  ? 8.985   -4.010  -10.492 1.00 57.24 ? 390 ASP A N   1 
ATOM   662 C CA  . ASP A 1 94  ? 8.918   -5.145  -11.414 1.00 57.03 ? 390 ASP A CA  1 
ATOM   663 C C   . ASP A 1 94  ? 7.954   -6.231  -10.923 1.00 56.65 ? 390 ASP A C   1 
ATOM   664 O O   . ASP A 1 94  ? 7.166   -6.759  -11.705 1.00 55.93 ? 390 ASP A O   1 
ATOM   665 C CB  . ASP A 1 94  ? 10.313  -5.743  -11.645 1.00 57.45 ? 390 ASP A CB  1 
ATOM   666 C CG  . ASP A 1 94  ? 11.094  -5.032  -12.757 1.00 59.09 ? 390 ASP A CG  1 
ATOM   667 O OD1 . ASP A 1 94  ? 10.687  -3.928  -13.193 1.00 61.90 ? 390 ASP A OD1 1 
ATOM   668 O OD2 . ASP A 1 94  ? 12.127  -5.582  -13.193 1.00 59.70 ? 390 ASP A OD2 1 
ATOM   669 N N   . LYS A 1 95  ? 8.037   -6.571  -9.639  1.00 56.45 ? 391 LYS A N   1 
ATOM   670 C CA  . LYS A 1 95  ? 7.075   -7.477  -8.999  1.00 56.82 ? 391 LYS A CA  1 
ATOM   671 C C   . LYS A 1 95  ? 5.636   -6.960  -9.125  1.00 56.65 ? 391 LYS A C   1 
ATOM   672 O O   . LYS A 1 95  ? 4.721   -7.733  -9.407  1.00 56.23 ? 391 LYS A O   1 
ATOM   673 C CB  . LYS A 1 95  ? 7.398   -7.669  -7.511  1.00 56.99 ? 391 LYS A CB  1 
ATOM   674 C CG  . LYS A 1 95  ? 8.674   -8.438  -7.218  1.00 56.74 ? 391 LYS A CG  1 
ATOM   675 C CD  . LYS A 1 95  ? 8.506   -9.916  -7.448  1.00 56.96 ? 391 LYS A CD  1 
ATOM   676 C CE  . LYS A 1 95  ? 9.794   -10.682 -7.137  1.00 57.08 ? 391 LYS A CE  1 
ATOM   677 N NZ  . LYS A 1 95  ? 9.601   -12.163 -7.274  1.00 57.05 ? 391 LYS A NZ  1 
ATOM   678 N N   . PHE A 1 96  ? 5.441   -5.660  -8.902  1.00 57.18 ? 392 PHE A N   1 
ATOM   679 C CA  . PHE A 1 96  ? 4.118   -5.055  -9.024  1.00 57.43 ? 392 PHE A CA  1 
ATOM   680 C C   . PHE A 1 96  ? 3.539   -5.211  -10.443 1.00 57.71 ? 392 PHE A C   1 
ATOM   681 O O   . PHE A 1 96  ? 2.365   -5.559  -10.615 1.00 57.80 ? 392 PHE A O   1 
ATOM   682 C CB  . PHE A 1 96  ? 4.154   -3.578  -8.619  1.00 57.94 ? 392 PHE A CB  1 
ATOM   683 C CG  . PHE A 1 96  ? 2.804   -2.914  -8.640  1.00 57.73 ? 392 PHE A CG  1 
ATOM   684 C CD1 . PHE A 1 96  ? 1.836   -3.257  -7.702  1.00 58.42 ? 392 PHE A CD1 1 
ATOM   685 C CD2 . PHE A 1 96  ? 2.484   -1.979  -9.621  1.00 59.14 ? 392 PHE A CD2 1 
ATOM   686 C CE1 . PHE A 1 96  ? 0.573   -2.662  -7.720  1.00 58.56 ? 392 PHE A CE1 1 
ATOM   687 C CE2 . PHE A 1 96  ? 1.219   -1.384  -9.656  1.00 59.38 ? 392 PHE A CE2 1 
ATOM   688 C CZ  . PHE A 1 96  ? 0.264   -1.723  -8.691  1.00 58.88 ? 392 PHE A CZ  1 
ATOM   689 N N   . ARG A 1 97  ? 4.366   -4.972  -11.457 1.00 57.95 ? 393 ARG A N   1 
ATOM   690 C CA  . ARG A 1 97  ? 3.902   -4.998  -12.848 1.00 57.91 ? 393 ARG A CA  1 
ATOM   691 C C   . ARG A 1 97  ? 3.451   -6.385  -13.326 1.00 57.74 ? 393 ARG A C   1 
ATOM   692 O O   . ARG A 1 97  ? 2.520   -6.483  -14.124 1.00 57.77 ? 393 ARG A O   1 
ATOM   693 C CB  . ARG A 1 97  ? 4.967   -4.431  -13.790 1.00 58.68 ? 393 ARG A CB  1 
ATOM   694 C CG  . ARG A 1 97  ? 5.289   -2.966  -13.551 1.00 60.19 ? 393 ARG A CG  1 
ATOM   695 C CD  . ARG A 1 97  ? 4.162   -2.019  -13.969 1.00 62.42 ? 393 ARG A CD  1 
ATOM   696 N NE  . ARG A 1 97  ? 4.467   -0.625  -13.616 1.00 62.48 ? 393 ARG A NE  1 
ATOM   697 C CZ  . ARG A 1 97  ? 5.350   0.146   -14.255 1.00 63.36 ? 393 ARG A CZ  1 
ATOM   698 N NH1 . ARG A 1 97  ? 6.055   -0.318  -15.278 1.00 63.13 ? 393 ARG A NH1 1 
ATOM   699 N NH2 . ARG A 1 97  ? 5.554   1.395   -13.853 1.00 63.87 ? 393 ARG A NH2 1 
ATOM   700 N N   . VAL A 1 98  ? 4.083   -7.451  -12.836 1.00 57.34 ? 394 VAL A N   1 
ATOM   701 C CA  . VAL A 1 98  ? 3.636   -8.815  -13.171 1.00 57.16 ? 394 VAL A CA  1 
ATOM   702 C C   . VAL A 1 98  ? 2.615   -9.378  -12.169 1.00 56.83 ? 394 VAL A C   1 
ATOM   703 O O   . VAL A 1 98  ? 2.279   -10.565 -12.218 1.00 56.74 ? 394 VAL A O   1 
ATOM   704 C CB  . VAL A 1 98  ? 4.830   -9.795  -13.342 1.00 57.14 ? 394 VAL A CB  1 
ATOM   705 C CG1 . VAL A 1 98  ? 5.742   -9.319  -14.473 1.00 57.72 ? 394 VAL A CG1 1 
ATOM   706 C CG2 . VAL A 1 98  ? 5.606   -9.978  -12.038 1.00 56.46 ? 394 VAL A CG2 1 
ATOM   707 N N   . LEU A 1 99  ? 2.124   -8.506  -11.283 1.00 57.05 ? 395 LEU A N   1 
ATOM   708 C CA  . LEU A 1 99  ? 1.144   -8.831  -10.230 1.00 56.61 ? 395 LEU A CA  1 
ATOM   709 C C   . LEU A 1 99  ? 1.607   -9.929  -9.264  1.00 56.40 ? 395 LEU A C   1 
ATOM   710 O O   . LEU A 1 99  ? 0.826   -10.783 -8.843  1.00 55.93 ? 395 LEU A O   1 
ATOM   711 C CB  . LEU A 1 99  ? -0.225  -9.146  -10.837 1.00 56.55 ? 395 LEU A CB  1 
ATOM   712 C CG  . LEU A 1 99  ? -0.833  -8.010  -11.665 1.00 56.66 ? 395 LEU A CG  1 
ATOM   713 C CD1 . LEU A 1 99  ? -2.186  -8.434  -12.223 1.00 56.90 ? 395 LEU A CD1 1 
ATOM   714 C CD2 . LEU A 1 99  ? -0.965  -6.727  -10.847 1.00 57.33 ? 395 LEU A CD2 1 
ATOM   715 N N   . ASP A 1 100 ? 2.888   -9.867  -8.903  1.00 56.20 ? 396 ASP A N   1 
ATOM   716 C CA  . ASP A 1 100 ? 3.458   -10.730 -7.881  1.00 55.88 ? 396 ASP A CA  1 
ATOM   717 C C   . ASP A 1 100 ? 3.380   -9.924  -6.576  1.00 55.36 ? 396 ASP A C   1 
ATOM   718 O O   . ASP A 1 100 ? 4.301   -9.194  -6.203  1.00 54.50 ? 396 ASP A O   1 
ATOM   719 C CB  . ASP A 1 100 ? 4.892   -11.152 -8.246  1.00 55.94 ? 396 ASP A CB  1 
ATOM   720 C CG  . ASP A 1 100 ? 5.416   -12.267 -7.355  1.00 56.87 ? 396 ASP A CG  1 
ATOM   721 O OD1 . ASP A 1 100 ? 4.989   -12.313 -6.176  1.00 60.79 ? 396 ASP A OD1 1 
ATOM   722 O OD2 . ASP A 1 100 ? 6.245   -13.089 -7.820  1.00 57.80 ? 396 ASP A OD2 1 
ATOM   723 N N   . LEU A 1 101 ? 2.242   -10.068 -5.901  1.00 55.15 ? 397 LEU A N   1 
ATOM   724 C CA  . LEU A 1 101 ? 1.832   -9.175  -4.816  1.00 55.23 ? 397 LEU A CA  1 
ATOM   725 C C   . LEU A 1 101 ? 1.935   -9.789  -3.419  1.00 55.19 ? 397 LEU A C   1 
ATOM   726 O O   . LEU A 1 101 ? 1.526   -9.154  -2.440  1.00 54.53 ? 397 LEU A O   1 
ATOM   727 C CB  . LEU A 1 101 ? 0.389   -8.718  -5.067  1.00 54.91 ? 397 LEU A CB  1 
ATOM   728 C CG  . LEU A 1 101 ? 0.153   -8.009  -6.404  1.00 54.22 ? 397 LEU A CG  1 
ATOM   729 C CD1 . LEU A 1 101 ? -1.284  -7.560  -6.509  1.00 53.20 ? 397 LEU A CD1 1 
ATOM   730 C CD2 . LEU A 1 101 ? 1.112   -6.823  -6.595  1.00 51.82 ? 397 LEU A CD2 1 
ATOM   731 N N   . ALA A 1 102 ? 2.481   -11.003 -3.313  1.00 55.35 ? 398 ALA A N   1 
ATOM   732 C CA  . ALA A 1 102 ? 2.583   -11.697 -2.021  1.00 56.04 ? 398 ALA A CA  1 
ATOM   733 C C   . ALA A 1 102 ? 4.012   -11.806 -1.475  1.00 56.29 ? 398 ALA A C   1 
ATOM   734 O O   . ALA A 1 102 ? 4.268   -12.596 -0.572  1.00 56.59 ? 398 ALA A O   1 
ATOM   735 C CB  . ALA A 1 102 ? 1.933   -13.079 -2.107  1.00 55.94 ? 398 ALA A CB  1 
ATOM   736 N N   . GLU A 1 103 ? 4.924   -10.981 -1.980  1.00 56.89 ? 399 GLU A N   1 
ATOM   737 C CA  . GLU A 1 103 ? 6.327   -11.026 -1.556  1.00 57.61 ? 399 GLU A CA  1 
ATOM   738 C C   . GLU A 1 103 ? 6.549   -10.504 -0.126  1.00 57.79 ? 399 GLU A C   1 
ATOM   739 O O   . GLU A 1 103 ? 5.836   -9.629  0.335   1.00 57.52 ? 399 GLU A O   1 
ATOM   740 C CB  . GLU A 1 103 ? 7.196   -10.219 -2.529  1.00 57.71 ? 399 GLU A CB  1 
ATOM   741 C CG  . GLU A 1 103 ? 7.287   -10.812 -3.918  1.00 58.97 ? 399 GLU A CG  1 
ATOM   742 C CD  . GLU A 1 103 ? 8.115   -12.087 -3.951  1.00 59.21 ? 399 GLU A CD  1 
ATOM   743 O OE1 . GLU A 1 103 ? 9.189   -12.109 -3.311  1.00 59.43 ? 399 GLU A OE1 1 
ATOM   744 O OE2 . GLU A 1 103 ? 7.701   -13.066 -4.612  1.00 62.25 ? 399 GLU A OE2 1 
ATOM   745 N N   . GLN A 1 104 ? 7.551   -11.059 0.555   1.00 58.70 ? 400 GLN A N   1 
ATOM   746 C CA  . GLN A 1 104 ? 7.992   -10.577 1.870   1.00 59.33 ? 400 GLN A CA  1 
ATOM   747 C C   . GLN A 1 104 ? 8.564   -9.175  1.700   1.00 59.75 ? 400 GLN A C   1 
ATOM   748 O O   . GLN A 1 104 ? 9.314   -8.924  0.756   1.00 59.37 ? 400 GLN A O   1 
ATOM   749 C CB  . GLN A 1 104 ? 9.099   -11.479 2.445   1.00 59.78 ? 400 GLN A CB  1 
ATOM   750 C CG  . GLN A 1 104 ? 8.713   -12.935 2.734   1.00 60.52 ? 400 GLN A CG  1 
ATOM   751 C CD  . GLN A 1 104 ? 8.057   -13.122 4.098   1.00 61.61 ? 400 GLN A CD  1 
ATOM   752 O OE1 . GLN A 1 104 ? 7.358   -12.234 4.594   1.00 63.07 ? 400 GLN A OE1 1 
ATOM   753 N NE2 . GLN A 1 104 ? 8.278   -14.290 4.707   1.00 62.27 ? 400 GLN A NE2 1 
ATOM   754 N N   . VAL A 1 105 ? 8.226   -8.268  2.615   1.00 60.34 ? 401 VAL A N   1 
ATOM   755 C CA  . VAL A 1 105 ? 8.693   -6.880  2.535   1.00 60.72 ? 401 VAL A CA  1 
ATOM   756 C C   . VAL A 1 105 ? 9.467   -6.449  3.785   1.00 61.64 ? 401 VAL A C   1 
ATOM   757 O O   . VAL A 1 105 ? 9.159   -6.906  4.900   1.00 62.16 ? 401 VAL A O   1 
ATOM   758 C CB  . VAL A 1 105 ? 7.524   -5.903  2.309   1.00 60.94 ? 401 VAL A CB  1 
ATOM   759 C CG1 . VAL A 1 105 ? 6.880   -6.183  0.964   1.00 60.81 ? 401 VAL A CG1 1 
ATOM   760 C CG2 . VAL A 1 105 ? 6.502   -5.989  3.464   1.00 60.00 ? 401 VAL A CG2 1 
ATOM   761 O OXT . VAL A 1 105 ? 10.401  -5.624  3.701   1.00 61.95 ? 401 VAL A OXT 1 
HETATM 762 O O   . HOH B 2 .   ? 7.051   8.323   9.268   1.00 43.84 ? 1   HOH A O   1 
HETATM 763 O O   . HOH B 2 .   ? 5.284   12.983  4.056   1.00 39.84 ? 2   HOH A O   1 
HETATM 764 O O   . HOH B 2 .   ? 3.417   -1.868  4.287   1.00 38.62 ? 3   HOH A O   1 
HETATM 765 O O   . HOH B 2 .   ? 8.640   1.128   6.047   1.00 46.55 ? 4   HOH A O   1 
HETATM 766 O O   . HOH B 2 .   ? 12.708  2.953   3.666   1.00 43.32 ? 5   HOH A O   1 
HETATM 767 O O   . HOH B 2 .   ? 8.707   -13.425 -0.687  1.00 63.97 ? 6   HOH A O   1 
HETATM 768 O O   . HOH B 2 .   ? 3.620   5.250   -12.373 1.00 64.51 ? 7   HOH A O   1 
HETATM 769 O O   . HOH B 2 .   ? -4.053  -2.710  4.176   1.00 41.96 ? 8   HOH A O   1 
HETATM 770 O O   . HOH B 2 .   ? 11.054  -1.574  -2.760  1.00 46.14 ? 9   HOH A O   1 
HETATM 771 O O   . HOH B 2 .   ? 12.459  1.523   8.161   1.00 45.98 ? 10  HOH A O   1 
HETATM 772 O O   . HOH B 2 .   ? 11.998  -8.264  -9.487  1.00 74.09 ? 11  HOH A O   1 
HETATM 773 O O   . HOH B 2 .   ? 10.006  1.848   3.739   1.00 39.61 ? 12  HOH A O   1 
HETATM 774 O O   . HOH B 2 .   ? 9.971   3.060   -9.112  1.00 50.83 ? 13  HOH A O   1 
HETATM 775 O O   . HOH B 2 .   ? -5.150  -6.725  6.813   1.00 55.76 ? 14  HOH A O   1 
HETATM 776 O O   . HOH B 2 .   ? 11.795  -1.476  -8.072  1.00 45.66 ? 15  HOH A O   1 
HETATM 777 O O   . HOH B 2 .   ? 3.635   8.726   10.046  1.00 64.77 ? 16  HOH A O   1 
HETATM 778 O O   . HOH B 2 .   ? 11.890  -3.082  -10.409 1.00 54.39 ? 17  HOH A O   1 
HETATM 779 O O   . HOH B 2 .   ? 8.791   -1.939  6.397   1.00 61.78 ? 18  HOH A O   1 
HETATM 780 O O   . HOH B 2 .   ? -7.745  -13.133 4.200   1.00 69.82 ? 19  HOH A O   1 
HETATM 781 O O   . HOH B 2 .   ? 11.763  1.654   -9.047  1.00 50.66 ? 20  HOH A O   1 
HETATM 782 O O   . HOH B 2 .   ? 6.345   -9.276  4.602   1.00 59.58 ? 21  HOH A O   1 
HETATM 783 O O   . HOH B 2 .   ? 10.110  12.765  -7.853  1.00 69.68 ? 22  HOH A O   1 
HETATM 784 O O   . HOH B 2 .   ? 2.690   11.286  -8.306  1.00 53.33 ? 23  HOH A O   1 
HETATM 785 O O   . HOH B 2 .   ? -2.734  -5.950  5.658   1.00 50.12 ? 24  HOH A O   1 
HETATM 786 O O   . HOH B 2 .   ? -7.599  -6.973  13.363  1.00 54.31 ? 25  HOH A O   1 
HETATM 787 O O   . HOH B 2 .   ? 0.702   -12.794 -5.959  1.00 55.78 ? 26  HOH A O   1 
HETATM 788 O O   . HOH B 2 .   ? -4.253  -9.748  13.443  1.00 68.15 ? 27  HOH A O   1 
HETATM 789 O O   . HOH B 2 .   ? 3.648   0.729   11.892  1.00 54.47 ? 28  HOH A O   1 
HETATM 790 O O   . HOH B 2 .   ? -5.381  -5.634  12.722  1.00 66.15 ? 29  HOH A O   1 
HETATM 791 O O   . HOH B 2 .   ? 9.891   9.647   -10.370 1.00 65.06 ? 30  HOH A O   1 
# 
loop_
_pdbx_poly_seq_scheme.asym_id 
_pdbx_poly_seq_scheme.entity_id 
_pdbx_poly_seq_scheme.seq_id 
_pdbx_poly_seq_scheme.mon_id 
_pdbx_poly_seq_scheme.ndb_seq_num 
_pdbx_poly_seq_scheme.pdb_seq_num 
_pdbx_poly_seq_scheme.auth_seq_num 
_pdbx_poly_seq_scheme.pdb_mon_id 
_pdbx_poly_seq_scheme.auth_mon_id 
_pdbx_poly_seq_scheme.pdb_strand_id 
_pdbx_poly_seq_scheme.pdb_ins_code 
_pdbx_poly_seq_scheme.hetero 
A 1 1   GLY 1   297 ?   ?   ?   A . n 
A 1 2   ALA 2   298 298 ALA ALA A . n 
A 1 3   MET 3   299 299 MET MET A . n 
A 1 4   GLY 4   300 300 GLY GLY A . n 
A 1 5   LYS 5   301 301 LYS LYS A . n 
A 1 6   CYS 6   302 302 CYS CYS A . n 
A 1 7   PRO 7   303 303 PRO PRO A . n 
A 1 8   THR 8   304 304 THR THR A . n 
A 1 9   LYS 9   305 305 LYS LYS A . n 
A 1 10  VAL 10  306 306 VAL VAL A . n 
A 1 11  VAL 11  307 307 VAL VAL A . n 
A 1 12  LEU 12  308 308 LEU LEU A . n 
A 1 13  LEU 13  309 309 LEU LEU A . n 
A 1 14  ARG 14  310 310 ARG ARG A . n 
A 1 15  ASN 15  311 311 ASN ASN A . n 
A 1 16  MET 16  312 312 MET MET A . n 
A 1 17  VAL 17  313 313 VAL ALA A . n 
A 1 18  GLY 18  314 314 GLY GLY A . n 
A 1 19  ALA 19  315 315 ALA ALA A . n 
A 1 20  GLY 20  316 316 GLY GLY A . n 
A 1 21  GLU 21  317 317 GLU ALA A . n 
A 1 22  VAL 22  318 318 VAL ALA A . n 
A 1 23  ASP 23  319 ?   ?   ?   A . n 
A 1 24  GLU 24  320 ?   ?   ?   A . n 
A 1 25  ASP 25  321 ?   ?   ?   A . n 
A 1 26  LEU 26  322 322 LEU LEU A . n 
A 1 27  GLU 27  323 323 GLU GLU A . n 
A 1 28  VAL 28  324 324 VAL ALA A . n 
A 1 29  GLU 29  325 325 GLU GLU A . n 
A 1 30  THR 30  326 326 THR THR A . n 
A 1 31  LYS 31  327 327 LYS LYS A . n 
A 1 32  GLU 32  328 328 GLU ALA A . n 
A 1 33  GLU 33  329 329 GLU ALA A . n 
A 1 34  CYS 34  330 330 CYS CYS A . n 
A 1 35  GLU 35  331 331 GLU GLU A . n 
A 1 36  LYS 36  332 332 LYS LYS A . n 
A 1 37  TYR 37  333 333 TYR TYR A . n 
A 1 38  GLY 38  334 334 GLY GLY A . n 
A 1 39  LYS 39  335 335 LYS ALA A . n 
A 1 40  VAL 40  336 336 VAL VAL A . n 
A 1 41  GLY 41  337 337 GLY GLY A . n 
A 1 42  LYS 42  338 338 LYS LYS A . n 
A 1 43  CYS 43  339 339 CYS CYS A . n 
A 1 44  VAL 44  340 340 VAL VAL A . n 
A 1 45  ILE 45  341 341 ILE ILE A . n 
A 1 46  PHE 46  342 342 PHE PHE A . n 
A 1 47  GLU 47  343 343 GLU GLU A . n 
A 1 48  ILE 48  344 344 ILE ILE A . n 
A 1 49  PRO 49  345 345 PRO PRO A . n 
A 1 50  GLY 50  346 346 GLY GLY A . n 
A 1 51  ALA 51  347 347 ALA ALA A . n 
A 1 52  PRO 52  348 348 PRO PRO A . n 
A 1 53  ASP 53  349 349 ASP ASP A . n 
A 1 54  ASP 54  350 350 ASP ASP A . n 
A 1 55  GLU 55  351 351 GLU GLU A . n 
A 1 56  ALA 56  352 352 ALA ALA A . n 
A 1 57  VAL 57  353 353 VAL VAL A . n 
A 1 58  ARG 58  354 354 ARG ARG A . n 
A 1 59  ILE 59  355 355 ILE ILE A . n 
A 1 60  PHE 60  356 356 PHE PHE A . n 
A 1 61  LEU 61  357 357 LEU LEU A . n 
A 1 62  GLU 62  358 358 GLU GLU A . n 
A 1 63  PHE 63  359 359 PHE PHE A . n 
A 1 64  GLU 64  360 360 GLU GLU A . n 
A 1 65  ARG 65  361 361 ARG ALA A . n 
A 1 66  VAL 66  362 362 VAL VAL A . n 
A 1 67  GLU 67  363 363 GLU GLU A . n 
A 1 68  SER 68  364 364 SER SER A . n 
A 1 69  ALA 69  365 365 ALA ALA A . n 
A 1 70  ILE 70  366 366 ILE ILE A . n 
A 1 71  LYS 71  367 367 LYS LYS A . n 
A 1 72  ALA 72  368 368 ALA ALA A . n 
A 1 73  VAL 73  369 369 VAL VAL A . n 
A 1 74  VAL 74  370 370 VAL VAL A . n 
A 1 75  ASP 75  371 371 ASP ASP A . n 
A 1 76  LEU 76  372 372 LEU LEU A . n 
A 1 77  ASN 77  373 373 ASN ASN A . n 
A 1 78  GLY 78  374 374 GLY GLY A . n 
A 1 79  ARG 79  375 375 ARG ARG A . n 
A 1 80  TYR 80  376 376 TYR TYR A . n 
A 1 81  PHE 81  377 377 PHE PHE A . n 
A 1 82  GLY 82  378 378 GLY GLY A . n 
A 1 83  GLY 83  379 379 GLY GLY A . n 
A 1 84  ARG 84  380 380 ARG ARG A . n 
A 1 85  VAL 85  381 381 VAL VAL A . n 
A 1 86  VAL 86  382 382 VAL VAL A . n 
A 1 87  LYS 87  383 383 LYS LYS A . n 
A 1 88  ALA 88  384 384 ALA ALA A . n 
A 1 89  CYS 89  385 385 CYS CYS A . n 
A 1 90  PHE 90  386 386 PHE PHE A . n 
A 1 91  TYR 91  387 387 TYR TYR A . n 
A 1 92  ASN 92  388 388 ASN ASN A . n 
A 1 93  LEU 93  389 389 LEU LEU A . n 
A 1 94  ASP 94  390 390 ASP ASP A . n 
A 1 95  LYS 95  391 391 LYS LYS A . n 
A 1 96  PHE 96  392 392 PHE PHE A . n 
A 1 97  ARG 97  393 393 ARG ARG A . n 
A 1 98  VAL 98  394 394 VAL VAL A . n 
A 1 99  LEU 99  395 395 LEU LEU A . n 
A 1 100 ASP 100 396 396 ASP ASP A . n 
A 1 101 LEU 101 397 397 LEU LEU A . n 
A 1 102 ALA 102 398 398 ALA ALA A . n 
A 1 103 GLU 103 399 399 GLU GLU A . n 
A 1 104 GLN 104 400 400 GLN GLN A . n 
A 1 105 VAL 105 401 401 VAL VAL A . n 
# 
loop_
_pdbx_nonpoly_scheme.asym_id 
_pdbx_nonpoly_scheme.entity_id 
_pdbx_nonpoly_scheme.mon_id 
_pdbx_nonpoly_scheme.ndb_seq_num 
_pdbx_nonpoly_scheme.pdb_seq_num 
_pdbx_nonpoly_scheme.auth_seq_num 
_pdbx_nonpoly_scheme.pdb_mon_id 
_pdbx_nonpoly_scheme.auth_mon_id 
_pdbx_nonpoly_scheme.pdb_strand_id 
_pdbx_nonpoly_scheme.pdb_ins_code 
B 2 HOH 1  1  1  HOH HOH A . 
B 2 HOH 2  2  2  HOH HOH A . 
B 2 HOH 3  3  3  HOH HOH A . 
B 2 HOH 4  4  4  HOH HOH A . 
B 2 HOH 5  5  5  HOH HOH A . 
B 2 HOH 6  6  6  HOH HOH A . 
B 2 HOH 7  7  7  HOH HOH A . 
B 2 HOH 8  8  8  HOH HOH A . 
B 2 HOH 9  9  9  HOH HOH A . 
B 2 HOH 10 10 10 HOH HOH A . 
B 2 HOH 11 11 11 HOH HOH A . 
B 2 HOH 12 12 12 HOH HOH A . 
B 2 HOH 13 13 13 HOH HOH A . 
B 2 HOH 14 14 14 HOH HOH A . 
B 2 HOH 15 15 15 HOH HOH A . 
B 2 HOH 16 16 16 HOH HOH A . 
B 2 HOH 17 17 17 HOH HOH A . 
B 2 HOH 18 18 18 HOH HOH A . 
B 2 HOH 19 19 19 HOH HOH A . 
B 2 HOH 20 20 20 HOH HOH A . 
B 2 HOH 21 21 21 HOH HOH A . 
B 2 HOH 22 22 22 HOH HOH A . 
B 2 HOH 23 23 23 HOH HOH A . 
B 2 HOH 24 24 24 HOH HOH A . 
B 2 HOH 25 25 25 HOH HOH A . 
B 2 HOH 26 26 26 HOH HOH A . 
B 2 HOH 27 27 27 HOH HOH A . 
B 2 HOH 28 28 28 HOH HOH A . 
B 2 HOH 29 29 29 HOH HOH A . 
B 2 HOH 30 30 30 HOH HOH A . 
# 
_pdbx_struct_assembly.id                   1 
_pdbx_struct_assembly.details              author_defined_assembly 
_pdbx_struct_assembly.method_details       ? 
_pdbx_struct_assembly.oligomeric_details   monomeric 
_pdbx_struct_assembly.oligomeric_count     1 
# 
_pdbx_struct_assembly_gen.assembly_id       1 
_pdbx_struct_assembly_gen.oper_expression   1 
_pdbx_struct_assembly_gen.asym_id_list      A,B 
# 
_pdbx_struct_oper_list.id                   1 
_pdbx_struct_oper_list.type                 'identity operation' 
_pdbx_struct_oper_list.name                 1_555 
_pdbx_struct_oper_list.symmetry_operation   x,y,z 
_pdbx_struct_oper_list.matrix[1][1]         1.0000000000 
_pdbx_struct_oper_list.matrix[1][2]         0.0000000000 
_pdbx_struct_oper_list.matrix[1][3]         0.0000000000 
_pdbx_struct_oper_list.vector[1]            0.0000000000 
_pdbx_struct_oper_list.matrix[2][1]         0.0000000000 
_pdbx_struct_oper_list.matrix[2][2]         1.0000000000 
_pdbx_struct_oper_list.matrix[2][3]         0.0000000000 
_pdbx_struct_oper_list.vector[2]            0.0000000000 
_pdbx_struct_oper_list.matrix[3][1]         0.0000000000 
_pdbx_struct_oper_list.matrix[3][2]         0.0000000000 
_pdbx_struct_oper_list.matrix[3][3]         1.0000000000 
_pdbx_struct_oper_list.vector[3]            0.0000000000 
# 
loop_
_pdbx_audit_revision_history.ordinal 
_pdbx_audit_revision_history.data_content_type 
_pdbx_audit_revision_history.major_revision 
_pdbx_audit_revision_history.minor_revision 
_pdbx_audit_revision_history.revision_date 
1 'Structure model' 1 0 2007-06-26 
2 'Structure model' 1 1 2008-05-01 
3 'Structure model' 1 2 2011-07-13 
4 'Structure model' 1 3 2023-08-30 
# 
_pdbx_audit_revision_details.ordinal             1 
_pdbx_audit_revision_details.revision_ordinal    1 
_pdbx_audit_revision_details.data_content_type   'Structure model' 
_pdbx_audit_revision_details.provider            repository 
_pdbx_audit_revision_details.type                'Initial release' 
_pdbx_audit_revision_details.description         ? 
_pdbx_audit_revision_details.details             ? 
# 
loop_
_pdbx_audit_revision_group.ordinal 
_pdbx_audit_revision_group.revision_ordinal 
_pdbx_audit_revision_group.data_content_type 
_pdbx_audit_revision_group.group 
1 2 'Structure model' 'Version format compliance' 
2 3 'Structure model' Advisory                    
3 3 'Structure model' 'Version format compliance' 
4 4 'Structure model' 'Data collection'           
5 4 'Structure model' 'Database references'       
6 4 'Structure model' 'Refinement description'    
# 
loop_
_pdbx_audit_revision_category.ordinal 
_pdbx_audit_revision_category.revision_ordinal 
_pdbx_audit_revision_category.data_content_type 
_pdbx_audit_revision_category.category 
1 4 'Structure model' chem_comp_atom                
2 4 'Structure model' chem_comp_bond                
3 4 'Structure model' database_2                    
4 4 'Structure model' pdbx_initial_refinement_model 
5 4 'Structure model' struct_ref_seq_dif            
# 
loop_
_pdbx_audit_revision_item.ordinal 
_pdbx_audit_revision_item.revision_ordinal 
_pdbx_audit_revision_item.data_content_type 
_pdbx_audit_revision_item.item 
1 4 'Structure model' '_database_2.pdbx_DOI'                
2 4 'Structure model' '_database_2.pdbx_database_accession' 
3 4 'Structure model' '_struct_ref_seq_dif.details'         
# 
_pdbx_refine_tls.id               1 
_pdbx_refine_tls.details          ? 
_pdbx_refine_tls.method           refined 
_pdbx_refine_tls.origin_x         0.4173 
_pdbx_refine_tls.origin_y         -0.0385 
_pdbx_refine_tls.origin_z         -0.2458 
_pdbx_refine_tls.T[1][1]          -0.2512 
_pdbx_refine_tls.T[2][2]          -0.1362 
_pdbx_refine_tls.T[3][3]          -0.2264 
_pdbx_refine_tls.T[1][2]          -0.0286 
_pdbx_refine_tls.T[1][3]          0.0364 
_pdbx_refine_tls.T[2][3]          -0.1712 
_pdbx_refine_tls.L[1][1]          9.0713 
_pdbx_refine_tls.L[2][2]          10.0321 
_pdbx_refine_tls.L[3][3]          9.4125 
_pdbx_refine_tls.L[1][2]          2.1635 
_pdbx_refine_tls.L[1][3]          -2.1097 
_pdbx_refine_tls.L[2][3]          1.5075 
_pdbx_refine_tls.S[1][1]          -0.5936 
_pdbx_refine_tls.S[1][2]          0.9162 
_pdbx_refine_tls.S[1][3]          -0.3839 
_pdbx_refine_tls.S[2][1]          -0.0394 
_pdbx_refine_tls.S[2][2]          0.0343 
_pdbx_refine_tls.S[2][3]          0.6671 
_pdbx_refine_tls.S[3][1]          0.1951 
_pdbx_refine_tls.S[3][2]          -0.5872 
_pdbx_refine_tls.S[3][3]          0.5593 
_pdbx_refine_tls.pdbx_refine_id   'X-RAY DIFFRACTION' 
# 
_pdbx_refine_tls_group.id                  1 
_pdbx_refine_tls_group.refine_tls_id       1 
_pdbx_refine_tls_group.beg_auth_asym_id    A 
_pdbx_refine_tls_group.beg_auth_seq_id     298 
_pdbx_refine_tls_group.beg_label_asym_id   A 
_pdbx_refine_tls_group.beg_label_seq_id    2 
_pdbx_refine_tls_group.end_auth_asym_id    A 
_pdbx_refine_tls_group.end_auth_seq_id     401 
_pdbx_refine_tls_group.end_label_asym_id   A 
_pdbx_refine_tls_group.end_label_seq_id    105 
_pdbx_refine_tls_group.selection           ? 
_pdbx_refine_tls_group.pdbx_refine_id      'X-RAY DIFFRACTION' 
_pdbx_refine_tls_group.selection_details   ? 
# 
loop_
_software.name 
_software.classification 
_software.version 
_software.citation_id 
_software.pdbx_ordinal 
REFMAC refinement        5.2.0019 ? 1 
ADSC   'data collection' Quantum  ? 2 
XDS    'data reduction'  .        ? 3 
XDS    'data scaling'    .        ? 4 
PHASER phasing           .        ? 5 
# 
loop_
_pdbx_validate_torsion.id 
_pdbx_validate_torsion.PDB_model_num 
_pdbx_validate_torsion.auth_comp_id 
_pdbx_validate_torsion.auth_asym_id 
_pdbx_validate_torsion.auth_seq_id 
_pdbx_validate_torsion.PDB_ins_code 
_pdbx_validate_torsion.label_alt_id 
_pdbx_validate_torsion.phi 
_pdbx_validate_torsion.psi 
1 1 GLU A 317 ? ? -113.04 -162.71 
2 1 ALA A 347 ? ? 177.07  142.98  
# 
_pdbx_validate_peptide_omega.id               1 
_pdbx_validate_peptide_omega.PDB_model_num    1 
_pdbx_validate_peptide_omega.auth_comp_id_1   GLY 
_pdbx_validate_peptide_omega.auth_asym_id_1   A 
_pdbx_validate_peptide_omega.auth_seq_id_1    316 
_pdbx_validate_peptide_omega.PDB_ins_code_1   ? 
_pdbx_validate_peptide_omega.label_alt_id_1   ? 
_pdbx_validate_peptide_omega.auth_comp_id_2   GLU 
_pdbx_validate_peptide_omega.auth_asym_id_2   A 
_pdbx_validate_peptide_omega.auth_seq_id_2    317 
_pdbx_validate_peptide_omega.PDB_ins_code_2   ? 
_pdbx_validate_peptide_omega.label_alt_id_2   ? 
_pdbx_validate_peptide_omega.omega            34.82 
# 
loop_
_pdbx_unobs_or_zero_occ_atoms.id 
_pdbx_unobs_or_zero_occ_atoms.PDB_model_num 
_pdbx_unobs_or_zero_occ_atoms.polymer_flag 
_pdbx_unobs_or_zero_occ_atoms.occupancy_flag 
_pdbx_unobs_or_zero_occ_atoms.auth_asym_id 
_pdbx_unobs_or_zero_occ_atoms.auth_comp_id 
_pdbx_unobs_or_zero_occ_atoms.auth_seq_id 
_pdbx_unobs_or_zero_occ_atoms.PDB_ins_code 
_pdbx_unobs_or_zero_occ_atoms.auth_atom_id 
_pdbx_unobs_or_zero_occ_atoms.label_alt_id 
_pdbx_unobs_or_zero_occ_atoms.label_asym_id 
_pdbx_unobs_or_zero_occ_atoms.label_comp_id 
_pdbx_unobs_or_zero_occ_atoms.label_seq_id 
_pdbx_unobs_or_zero_occ_atoms.label_atom_id 
1  1 Y 1 A VAL 313 ? CG1 ? A VAL 17 CG1 
2  1 Y 1 A VAL 313 ? CG2 ? A VAL 17 CG2 
3  1 Y 1 A GLU 317 ? CG  ? A GLU 21 CG  
4  1 Y 1 A GLU 317 ? CD  ? A GLU 21 CD  
5  1 Y 1 A GLU 317 ? OE1 ? A GLU 21 OE1 
6  1 Y 1 A GLU 317 ? OE2 ? A GLU 21 OE2 
7  1 Y 1 A VAL 318 ? CG1 ? A VAL 22 CG1 
8  1 Y 1 A VAL 318 ? CG2 ? A VAL 22 CG2 
9  1 Y 1 A VAL 324 ? CG1 ? A VAL 28 CG1 
10 1 Y 1 A VAL 324 ? CG2 ? A VAL 28 CG2 
11 1 Y 1 A GLU 328 ? CG  ? A GLU 32 CG  
12 1 Y 1 A GLU 328 ? CD  ? A GLU 32 CD  
13 1 Y 1 A GLU 328 ? OE1 ? A GLU 32 OE1 
14 1 Y 1 A GLU 328 ? OE2 ? A GLU 32 OE2 
15 1 Y 1 A GLU 329 ? CG  ? A GLU 33 CG  
16 1 Y 1 A GLU 329 ? CD  ? A GLU 33 CD  
17 1 Y 1 A GLU 329 ? OE1 ? A GLU 33 OE1 
18 1 Y 1 A GLU 329 ? OE2 ? A GLU 33 OE2 
19 1 Y 1 A LYS 335 ? CG  ? A LYS 39 CG  
20 1 Y 1 A LYS 335 ? CD  ? A LYS 39 CD  
21 1 Y 1 A LYS 335 ? CE  ? A LYS 39 CE  
22 1 Y 1 A LYS 335 ? NZ  ? A LYS 39 NZ  
23 1 Y 1 A ARG 361 ? CG  ? A ARG 65 CG  
24 1 Y 1 A ARG 361 ? CD  ? A ARG 65 CD  
25 1 Y 1 A ARG 361 ? NE  ? A ARG 65 NE  
26 1 Y 1 A ARG 361 ? CZ  ? A ARG 65 CZ  
27 1 Y 1 A ARG 361 ? NH1 ? A ARG 65 NH1 
28 1 Y 1 A ARG 361 ? NH2 ? A ARG 65 NH2 
# 
loop_
_pdbx_unobs_or_zero_occ_residues.id 
_pdbx_unobs_or_zero_occ_residues.PDB_model_num 
_pdbx_unobs_or_zero_occ_residues.polymer_flag 
_pdbx_unobs_or_zero_occ_residues.occupancy_flag 
_pdbx_unobs_or_zero_occ_residues.auth_asym_id 
_pdbx_unobs_or_zero_occ_residues.auth_comp_id 
_pdbx_unobs_or_zero_occ_residues.auth_seq_id 
_pdbx_unobs_or_zero_occ_residues.PDB_ins_code 
_pdbx_unobs_or_zero_occ_residues.label_asym_id 
_pdbx_unobs_or_zero_occ_residues.label_comp_id 
_pdbx_unobs_or_zero_occ_residues.label_seq_id 
1 1 Y 1 A GLY 297 ? A GLY 1  
2 1 Y 1 A ASP 319 ? A ASP 23 
3 1 Y 1 A GLU 320 ? A GLU 24 
4 1 Y 1 A ASP 321 ? A ASP 25 
# 
loop_
_chem_comp_atom.comp_id 
_chem_comp_atom.atom_id 
_chem_comp_atom.type_symbol 
_chem_comp_atom.pdbx_aromatic_flag 
_chem_comp_atom.pdbx_stereo_config 
_chem_comp_atom.pdbx_ordinal 
ALA N    N N N 1   
ALA CA   C N S 2   
ALA C    C N N 3   
ALA O    O N N 4   
ALA CB   C N N 5   
ALA OXT  O N N 6   
ALA H    H N N 7   
ALA H2   H N N 8   
ALA HA   H N N 9   
ALA HB1  H N N 10  
ALA HB2  H N N 11  
ALA HB3  H N N 12  
ALA HXT  H N N 13  
ARG N    N N N 14  
ARG CA   C N S 15  
ARG C    C N N 16  
ARG O    O N N 17  
ARG CB   C N N 18  
ARG CG   C N N 19  
ARG CD   C N N 20  
ARG NE   N N N 21  
ARG CZ   C N N 22  
ARG NH1  N N N 23  
ARG NH2  N N N 24  
ARG OXT  O N N 25  
ARG H    H N N 26  
ARG H2   H N N 27  
ARG HA   H N N 28  
ARG HB2  H N N 29  
ARG HB3  H N N 30  
ARG HG2  H N N 31  
ARG HG3  H N N 32  
ARG HD2  H N N 33  
ARG HD3  H N N 34  
ARG HE   H N N 35  
ARG HH11 H N N 36  
ARG HH12 H N N 37  
ARG HH21 H N N 38  
ARG HH22 H N N 39  
ARG HXT  H N N 40  
ASN N    N N N 41  
ASN CA   C N S 42  
ASN C    C N N 43  
ASN O    O N N 44  
ASN CB   C N N 45  
ASN CG   C N N 46  
ASN OD1  O N N 47  
ASN ND2  N N N 48  
ASN OXT  O N N 49  
ASN H    H N N 50  
ASN H2   H N N 51  
ASN HA   H N N 52  
ASN HB2  H N N 53  
ASN HB3  H N N 54  
ASN HD21 H N N 55  
ASN HD22 H N N 56  
ASN HXT  H N N 57  
ASP N    N N N 58  
ASP CA   C N S 59  
ASP C    C N N 60  
ASP O    O N N 61  
ASP CB   C N N 62  
ASP CG   C N N 63  
ASP OD1  O N N 64  
ASP OD2  O N N 65  
ASP OXT  O N N 66  
ASP H    H N N 67  
ASP H2   H N N 68  
ASP HA   H N N 69  
ASP HB2  H N N 70  
ASP HB3  H N N 71  
ASP HD2  H N N 72  
ASP HXT  H N N 73  
CYS N    N N N 74  
CYS CA   C N R 75  
CYS C    C N N 76  
CYS O    O N N 77  
CYS CB   C N N 78  
CYS SG   S N N 79  
CYS OXT  O N N 80  
CYS H    H N N 81  
CYS H2   H N N 82  
CYS HA   H N N 83  
CYS HB2  H N N 84  
CYS HB3  H N N 85  
CYS HG   H N N 86  
CYS HXT  H N N 87  
GLN N    N N N 88  
GLN CA   C N S 89  
GLN C    C N N 90  
GLN O    O N N 91  
GLN CB   C N N 92  
GLN CG   C N N 93  
GLN CD   C N N 94  
GLN OE1  O N N 95  
GLN NE2  N N N 96  
GLN OXT  O N N 97  
GLN H    H N N 98  
GLN H2   H N N 99  
GLN HA   H N N 100 
GLN HB2  H N N 101 
GLN HB3  H N N 102 
GLN HG2  H N N 103 
GLN HG3  H N N 104 
GLN HE21 H N N 105 
GLN HE22 H N N 106 
GLN HXT  H N N 107 
GLU N    N N N 108 
GLU CA   C N S 109 
GLU C    C N N 110 
GLU O    O N N 111 
GLU CB   C N N 112 
GLU CG   C N N 113 
GLU CD   C N N 114 
GLU OE1  O N N 115 
GLU OE2  O N N 116 
GLU OXT  O N N 117 
GLU H    H N N 118 
GLU H2   H N N 119 
GLU HA   H N N 120 
GLU HB2  H N N 121 
GLU HB3  H N N 122 
GLU HG2  H N N 123 
GLU HG3  H N N 124 
GLU HE2  H N N 125 
GLU HXT  H N N 126 
GLY N    N N N 127 
GLY CA   C N N 128 
GLY C    C N N 129 
GLY O    O N N 130 
GLY OXT  O N N 131 
GLY H    H N N 132 
GLY H2   H N N 133 
GLY HA2  H N N 134 
GLY HA3  H N N 135 
GLY HXT  H N N 136 
HOH O    O N N 137 
HOH H1   H N N 138 
HOH H2   H N N 139 
ILE N    N N N 140 
ILE CA   C N S 141 
ILE C    C N N 142 
ILE O    O N N 143 
ILE CB   C N S 144 
ILE CG1  C N N 145 
ILE CG2  C N N 146 
ILE CD1  C N N 147 
ILE OXT  O N N 148 
ILE H    H N N 149 
ILE H2   H N N 150 
ILE HA   H N N 151 
ILE HB   H N N 152 
ILE HG12 H N N 153 
ILE HG13 H N N 154 
ILE HG21 H N N 155 
ILE HG22 H N N 156 
ILE HG23 H N N 157 
ILE HD11 H N N 158 
ILE HD12 H N N 159 
ILE HD13 H N N 160 
ILE HXT  H N N 161 
LEU N    N N N 162 
LEU CA   C N S 163 
LEU C    C N N 164 
LEU O    O N N 165 
LEU CB   C N N 166 
LEU CG   C N N 167 
LEU CD1  C N N 168 
LEU CD2  C N N 169 
LEU OXT  O N N 170 
LEU H    H N N 171 
LEU H2   H N N 172 
LEU HA   H N N 173 
LEU HB2  H N N 174 
LEU HB3  H N N 175 
LEU HG   H N N 176 
LEU HD11 H N N 177 
LEU HD12 H N N 178 
LEU HD13 H N N 179 
LEU HD21 H N N 180 
LEU HD22 H N N 181 
LEU HD23 H N N 182 
LEU HXT  H N N 183 
LYS N    N N N 184 
LYS CA   C N S 185 
LYS C    C N N 186 
LYS O    O N N 187 
LYS CB   C N N 188 
LYS CG   C N N 189 
LYS CD   C N N 190 
LYS CE   C N N 191 
LYS NZ   N N N 192 
LYS OXT  O N N 193 
LYS H    H N N 194 
LYS H2   H N N 195 
LYS HA   H N N 196 
LYS HB2  H N N 197 
LYS HB3  H N N 198 
LYS HG2  H N N 199 
LYS HG3  H N N 200 
LYS HD2  H N N 201 
LYS HD3  H N N 202 
LYS HE2  H N N 203 
LYS HE3  H N N 204 
LYS HZ1  H N N 205 
LYS HZ2  H N N 206 
LYS HZ3  H N N 207 
LYS HXT  H N N 208 
MET N    N N N 209 
MET CA   C N S 210 
MET C    C N N 211 
MET O    O N N 212 
MET CB   C N N 213 
MET CG   C N N 214 
MET SD   S N N 215 
MET CE   C N N 216 
MET OXT  O N N 217 
MET H    H N N 218 
MET H2   H N N 219 
MET HA   H N N 220 
MET HB2  H N N 221 
MET HB3  H N N 222 
MET HG2  H N N 223 
MET HG3  H N N 224 
MET HE1  H N N 225 
MET HE2  H N N 226 
MET HE3  H N N 227 
MET HXT  H N N 228 
PHE N    N N N 229 
PHE CA   C N S 230 
PHE C    C N N 231 
PHE O    O N N 232 
PHE CB   C N N 233 
PHE CG   C Y N 234 
PHE CD1  C Y N 235 
PHE CD2  C Y N 236 
PHE CE1  C Y N 237 
PHE CE2  C Y N 238 
PHE CZ   C Y N 239 
PHE OXT  O N N 240 
PHE H    H N N 241 
PHE H2   H N N 242 
PHE HA   H N N 243 
PHE HB2  H N N 244 
PHE HB3  H N N 245 
PHE HD1  H N N 246 
PHE HD2  H N N 247 
PHE HE1  H N N 248 
PHE HE2  H N N 249 
PHE HZ   H N N 250 
PHE HXT  H N N 251 
PRO N    N N N 252 
PRO CA   C N S 253 
PRO C    C N N 254 
PRO O    O N N 255 
PRO CB   C N N 256 
PRO CG   C N N 257 
PRO CD   C N N 258 
PRO OXT  O N N 259 
PRO H    H N N 260 
PRO HA   H N N 261 
PRO HB2  H N N 262 
PRO HB3  H N N 263 
PRO HG2  H N N 264 
PRO HG3  H N N 265 
PRO HD2  H N N 266 
PRO HD3  H N N 267 
PRO HXT  H N N 268 
SER N    N N N 269 
SER CA   C N S 270 
SER C    C N N 271 
SER O    O N N 272 
SER CB   C N N 273 
SER OG   O N N 274 
SER OXT  O N N 275 
SER H    H N N 276 
SER H2   H N N 277 
SER HA   H N N 278 
SER HB2  H N N 279 
SER HB3  H N N 280 
SER HG   H N N 281 
SER HXT  H N N 282 
THR N    N N N 283 
THR CA   C N S 284 
THR C    C N N 285 
THR O    O N N 286 
THR CB   C N R 287 
THR OG1  O N N 288 
THR CG2  C N N 289 
THR OXT  O N N 290 
THR H    H N N 291 
THR H2   H N N 292 
THR HA   H N N 293 
THR HB   H N N 294 
THR HG1  H N N 295 
THR HG21 H N N 296 
THR HG22 H N N 297 
THR HG23 H N N 298 
THR HXT  H N N 299 
TYR N    N N N 300 
TYR CA   C N S 301 
TYR C    C N N 302 
TYR O    O N N 303 
TYR CB   C N N 304 
TYR CG   C Y N 305 
TYR CD1  C Y N 306 
TYR CD2  C Y N 307 
TYR CE1  C Y N 308 
TYR CE2  C Y N 309 
TYR CZ   C Y N 310 
TYR OH   O N N 311 
TYR OXT  O N N 312 
TYR H    H N N 313 
TYR H2   H N N 314 
TYR HA   H N N 315 
TYR HB2  H N N 316 
TYR HB3  H N N 317 
TYR HD1  H N N 318 
TYR HD2  H N N 319 
TYR HE1  H N N 320 
TYR HE2  H N N 321 
TYR HH   H N N 322 
TYR HXT  H N N 323 
VAL N    N N N 324 
VAL CA   C N S 325 
VAL C    C N N 326 
VAL O    O N N 327 
VAL CB   C N N 328 
VAL CG1  C N N 329 
VAL CG2  C N N 330 
VAL OXT  O N N 331 
VAL H    H N N 332 
VAL H2   H N N 333 
VAL HA   H N N 334 
VAL HB   H N N 335 
VAL HG11 H N N 336 
VAL HG12 H N N 337 
VAL HG13 H N N 338 
VAL HG21 H N N 339 
VAL HG22 H N N 340 
VAL HG23 H N N 341 
VAL HXT  H N N 342 
# 
loop_
_chem_comp_bond.comp_id 
_chem_comp_bond.atom_id_1 
_chem_comp_bond.atom_id_2 
_chem_comp_bond.value_order 
_chem_comp_bond.pdbx_aromatic_flag 
_chem_comp_bond.pdbx_stereo_config 
_chem_comp_bond.pdbx_ordinal 
ALA N   CA   sing N N 1   
ALA N   H    sing N N 2   
ALA N   H2   sing N N 3   
ALA CA  C    sing N N 4   
ALA CA  CB   sing N N 5   
ALA CA  HA   sing N N 6   
ALA C   O    doub N N 7   
ALA C   OXT  sing N N 8   
ALA CB  HB1  sing N N 9   
ALA CB  HB2  sing N N 10  
ALA CB  HB3  sing N N 11  
ALA OXT HXT  sing N N 12  
ARG N   CA   sing N N 13  
ARG N   H    sing N N 14  
ARG N   H2   sing N N 15  
ARG CA  C    sing N N 16  
ARG CA  CB   sing N N 17  
ARG CA  HA   sing N N 18  
ARG C   O    doub N N 19  
ARG C   OXT  sing N N 20  
ARG CB  CG   sing N N 21  
ARG CB  HB2  sing N N 22  
ARG CB  HB3  sing N N 23  
ARG CG  CD   sing N N 24  
ARG CG  HG2  sing N N 25  
ARG CG  HG3  sing N N 26  
ARG CD  NE   sing N N 27  
ARG CD  HD2  sing N N 28  
ARG CD  HD3  sing N N 29  
ARG NE  CZ   sing N N 30  
ARG NE  HE   sing N N 31  
ARG CZ  NH1  sing N N 32  
ARG CZ  NH2  doub N N 33  
ARG NH1 HH11 sing N N 34  
ARG NH1 HH12 sing N N 35  
ARG NH2 HH21 sing N N 36  
ARG NH2 HH22 sing N N 37  
ARG OXT HXT  sing N N 38  
ASN N   CA   sing N N 39  
ASN N   H    sing N N 40  
ASN N   H2   sing N N 41  
ASN CA  C    sing N N 42  
ASN CA  CB   sing N N 43  
ASN CA  HA   sing N N 44  
ASN C   O    doub N N 45  
ASN C   OXT  sing N N 46  
ASN CB  CG   sing N N 47  
ASN CB  HB2  sing N N 48  
ASN CB  HB3  sing N N 49  
ASN CG  OD1  doub N N 50  
ASN CG  ND2  sing N N 51  
ASN ND2 HD21 sing N N 52  
ASN ND2 HD22 sing N N 53  
ASN OXT HXT  sing N N 54  
ASP N   CA   sing N N 55  
ASP N   H    sing N N 56  
ASP N   H2   sing N N 57  
ASP CA  C    sing N N 58  
ASP CA  CB   sing N N 59  
ASP CA  HA   sing N N 60  
ASP C   O    doub N N 61  
ASP C   OXT  sing N N 62  
ASP CB  CG   sing N N 63  
ASP CB  HB2  sing N N 64  
ASP CB  HB3  sing N N 65  
ASP CG  OD1  doub N N 66  
ASP CG  OD2  sing N N 67  
ASP OD2 HD2  sing N N 68  
ASP OXT HXT  sing N N 69  
CYS N   CA   sing N N 70  
CYS N   H    sing N N 71  
CYS N   H2   sing N N 72  
CYS CA  C    sing N N 73  
CYS CA  CB   sing N N 74  
CYS CA  HA   sing N N 75  
CYS C   O    doub N N 76  
CYS C   OXT  sing N N 77  
CYS CB  SG   sing N N 78  
CYS CB  HB2  sing N N 79  
CYS CB  HB3  sing N N 80  
CYS SG  HG   sing N N 81  
CYS OXT HXT  sing N N 82  
GLN N   CA   sing N N 83  
GLN N   H    sing N N 84  
GLN N   H2   sing N N 85  
GLN CA  C    sing N N 86  
GLN CA  CB   sing N N 87  
GLN CA  HA   sing N N 88  
GLN C   O    doub N N 89  
GLN C   OXT  sing N N 90  
GLN CB  CG   sing N N 91  
GLN CB  HB2  sing N N 92  
GLN CB  HB3  sing N N 93  
GLN CG  CD   sing N N 94  
GLN CG  HG2  sing N N 95  
GLN CG  HG3  sing N N 96  
GLN CD  OE1  doub N N 97  
GLN CD  NE2  sing N N 98  
GLN NE2 HE21 sing N N 99  
GLN NE2 HE22 sing N N 100 
GLN OXT HXT  sing N N 101 
GLU N   CA   sing N N 102 
GLU N   H    sing N N 103 
GLU N   H2   sing N N 104 
GLU CA  C    sing N N 105 
GLU CA  CB   sing N N 106 
GLU CA  HA   sing N N 107 
GLU C   O    doub N N 108 
GLU C   OXT  sing N N 109 
GLU CB  CG   sing N N 110 
GLU CB  HB2  sing N N 111 
GLU CB  HB3  sing N N 112 
GLU CG  CD   sing N N 113 
GLU CG  HG2  sing N N 114 
GLU CG  HG3  sing N N 115 
GLU CD  OE1  doub N N 116 
GLU CD  OE2  sing N N 117 
GLU OE2 HE2  sing N N 118 
GLU OXT HXT  sing N N 119 
GLY N   CA   sing N N 120 
GLY N   H    sing N N 121 
GLY N   H2   sing N N 122 
GLY CA  C    sing N N 123 
GLY CA  HA2  sing N N 124 
GLY CA  HA3  sing N N 125 
GLY C   O    doub N N 126 
GLY C   OXT  sing N N 127 
GLY OXT HXT  sing N N 128 
HOH O   H1   sing N N 129 
HOH O   H2   sing N N 130 
ILE N   CA   sing N N 131 
ILE N   H    sing N N 132 
ILE N   H2   sing N N 133 
ILE CA  C    sing N N 134 
ILE CA  CB   sing N N 135 
ILE CA  HA   sing N N 136 
ILE C   O    doub N N 137 
ILE C   OXT  sing N N 138 
ILE CB  CG1  sing N N 139 
ILE CB  CG2  sing N N 140 
ILE CB  HB   sing N N 141 
ILE CG1 CD1  sing N N 142 
ILE CG1 HG12 sing N N 143 
ILE CG1 HG13 sing N N 144 
ILE CG2 HG21 sing N N 145 
ILE CG2 HG22 sing N N 146 
ILE CG2 HG23 sing N N 147 
ILE CD1 HD11 sing N N 148 
ILE CD1 HD12 sing N N 149 
ILE CD1 HD13 sing N N 150 
ILE OXT HXT  sing N N 151 
LEU N   CA   sing N N 152 
LEU N   H    sing N N 153 
LEU N   H2   sing N N 154 
LEU CA  C    sing N N 155 
LEU CA  CB   sing N N 156 
LEU CA  HA   sing N N 157 
LEU C   O    doub N N 158 
LEU C   OXT  sing N N 159 
LEU CB  CG   sing N N 160 
LEU CB  HB2  sing N N 161 
LEU CB  HB3  sing N N 162 
LEU CG  CD1  sing N N 163 
LEU CG  CD2  sing N N 164 
LEU CG  HG   sing N N 165 
LEU CD1 HD11 sing N N 166 
LEU CD1 HD12 sing N N 167 
LEU CD1 HD13 sing N N 168 
LEU CD2 HD21 sing N N 169 
LEU CD2 HD22 sing N N 170 
LEU CD2 HD23 sing N N 171 
LEU OXT HXT  sing N N 172 
LYS N   CA   sing N N 173 
LYS N   H    sing N N 174 
LYS N   H2   sing N N 175 
LYS CA  C    sing N N 176 
LYS CA  CB   sing N N 177 
LYS CA  HA   sing N N 178 
LYS C   O    doub N N 179 
LYS C   OXT  sing N N 180 
LYS CB  CG   sing N N 181 
LYS CB  HB2  sing N N 182 
LYS CB  HB3  sing N N 183 
LYS CG  CD   sing N N 184 
LYS CG  HG2  sing N N 185 
LYS CG  HG3  sing N N 186 
LYS CD  CE   sing N N 187 
LYS CD  HD2  sing N N 188 
LYS CD  HD3  sing N N 189 
LYS CE  NZ   sing N N 190 
LYS CE  HE2  sing N N 191 
LYS CE  HE3  sing N N 192 
LYS NZ  HZ1  sing N N 193 
LYS NZ  HZ2  sing N N 194 
LYS NZ  HZ3  sing N N 195 
LYS OXT HXT  sing N N 196 
MET N   CA   sing N N 197 
MET N   H    sing N N 198 
MET N   H2   sing N N 199 
MET CA  C    sing N N 200 
MET CA  CB   sing N N 201 
MET CA  HA   sing N N 202 
MET C   O    doub N N 203 
MET C   OXT  sing N N 204 
MET CB  CG   sing N N 205 
MET CB  HB2  sing N N 206 
MET CB  HB3  sing N N 207 
MET CG  SD   sing N N 208 
MET CG  HG2  sing N N 209 
MET CG  HG3  sing N N 210 
MET SD  CE   sing N N 211 
MET CE  HE1  sing N N 212 
MET CE  HE2  sing N N 213 
MET CE  HE3  sing N N 214 
MET OXT HXT  sing N N 215 
PHE N   CA   sing N N 216 
PHE N   H    sing N N 217 
PHE N   H2   sing N N 218 
PHE CA  C    sing N N 219 
PHE CA  CB   sing N N 220 
PHE CA  HA   sing N N 221 
PHE C   O    doub N N 222 
PHE C   OXT  sing N N 223 
PHE CB  CG   sing N N 224 
PHE CB  HB2  sing N N 225 
PHE CB  HB3  sing N N 226 
PHE CG  CD1  doub Y N 227 
PHE CG  CD2  sing Y N 228 
PHE CD1 CE1  sing Y N 229 
PHE CD1 HD1  sing N N 230 
PHE CD2 CE2  doub Y N 231 
PHE CD2 HD2  sing N N 232 
PHE CE1 CZ   doub Y N 233 
PHE CE1 HE1  sing N N 234 
PHE CE2 CZ   sing Y N 235 
PHE CE2 HE2  sing N N 236 
PHE CZ  HZ   sing N N 237 
PHE OXT HXT  sing N N 238 
PRO N   CA   sing N N 239 
PRO N   CD   sing N N 240 
PRO N   H    sing N N 241 
PRO CA  C    sing N N 242 
PRO CA  CB   sing N N 243 
PRO CA  HA   sing N N 244 
PRO C   O    doub N N 245 
PRO C   OXT  sing N N 246 
PRO CB  CG   sing N N 247 
PRO CB  HB2  sing N N 248 
PRO CB  HB3  sing N N 249 
PRO CG  CD   sing N N 250 
PRO CG  HG2  sing N N 251 
PRO CG  HG3  sing N N 252 
PRO CD  HD2  sing N N 253 
PRO CD  HD3  sing N N 254 
PRO OXT HXT  sing N N 255 
SER N   CA   sing N N 256 
SER N   H    sing N N 257 
SER N   H2   sing N N 258 
SER CA  C    sing N N 259 
SER CA  CB   sing N N 260 
SER CA  HA   sing N N 261 
SER C   O    doub N N 262 
SER C   OXT  sing N N 263 
SER CB  OG   sing N N 264 
SER CB  HB2  sing N N 265 
SER CB  HB3  sing N N 266 
SER OG  HG   sing N N 267 
SER OXT HXT  sing N N 268 
THR N   CA   sing N N 269 
THR N   H    sing N N 270 
THR N   H2   sing N N 271 
THR CA  C    sing N N 272 
THR CA  CB   sing N N 273 
THR CA  HA   sing N N 274 
THR C   O    doub N N 275 
THR C   OXT  sing N N 276 
THR CB  OG1  sing N N 277 
THR CB  CG2  sing N N 278 
THR CB  HB   sing N N 279 
THR OG1 HG1  sing N N 280 
THR CG2 HG21 sing N N 281 
THR CG2 HG22 sing N N 282 
THR CG2 HG23 sing N N 283 
THR OXT HXT  sing N N 284 
TYR N   CA   sing N N 285 
TYR N   H    sing N N 286 
TYR N   H2   sing N N 287 
TYR CA  C    sing N N 288 
TYR CA  CB   sing N N 289 
TYR CA  HA   sing N N 290 
TYR C   O    doub N N 291 
TYR C   OXT  sing N N 292 
TYR CB  CG   sing N N 293 
TYR CB  HB2  sing N N 294 
TYR CB  HB3  sing N N 295 
TYR CG  CD1  doub Y N 296 
TYR CG  CD2  sing Y N 297 
TYR CD1 CE1  sing Y N 298 
TYR CD1 HD1  sing N N 299 
TYR CD2 CE2  doub Y N 300 
TYR CD2 HD2  sing N N 301 
TYR CE1 CZ   doub Y N 302 
TYR CE1 HE1  sing N N 303 
TYR CE2 CZ   sing Y N 304 
TYR CE2 HE2  sing N N 305 
TYR CZ  OH   sing N N 306 
TYR OH  HH   sing N N 307 
TYR OXT HXT  sing N N 308 
VAL N   CA   sing N N 309 
VAL N   H    sing N N 310 
VAL N   H2   sing N N 311 
VAL CA  C    sing N N 312 
VAL CA  CB   sing N N 313 
VAL CA  HA   sing N N 314 
VAL C   O    doub N N 315 
VAL C   OXT  sing N N 316 
VAL CB  CG1  sing N N 317 
VAL CB  CG2  sing N N 318 
VAL CB  HB   sing N N 319 
VAL CG1 HG11 sing N N 320 
VAL CG1 HG12 sing N N 321 
VAL CG1 HG13 sing N N 322 
VAL CG2 HG21 sing N N 323 
VAL CG2 HG22 sing N N 324 
VAL CG2 HG23 sing N N 325 
VAL OXT HXT  sing N N 326 
# 
_pdbx_entity_nonpoly.entity_id   2 
_pdbx_entity_nonpoly.name        water 
_pdbx_entity_nonpoly.comp_id     HOH 
# 
_pdbx_initial_refinement_model.id               1 
_pdbx_initial_refinement_model.entity_id_list   ? 
_pdbx_initial_refinement_model.type             'experimental model' 
_pdbx_initial_refinement_model.source_name      PDB 
_pdbx_initial_refinement_model.accession_code   1O0P 
_pdbx_initial_refinement_model.details          'UHM domain homology model based on PDB-ID 1o0p' 
# 
